data_6U3Y
#
_entry.id   6U3Y
#
_cell.length_a   139.097
_cell.length_b   139.097
_cell.length_c   246.770
_cell.angle_alpha   90.000
_cell.angle_beta   90.000
_cell.angle_gamma   90.000
#
_symmetry.space_group_name_H-M   'I 4 2 2'
#
loop_
_entity.id
_entity.type
_entity.pdbx_description
1 polymer 'Panton-Valentine Leucocidin F'
2 polymer 'Gamma-hemolysin subunit A'
3 non-polymer fos-choline-14
4 non-polymer 'SULFATE ION'
5 non-polymer 'ACETATE ION'
6 water water
#
loop_
_entity_poly.entity_id
_entity_poly.type
_entity_poly.pdbx_seq_one_letter_code
_entity_poly.pdbx_strand_id
1 'polypeptide(L)'
;AQHITPVSEKKVDDKITLYKTTATSDSDKLKISQILTFNFIKDKSYDKDTLILKAAGNIYSGYTKPNPKDTISSQFYWGS
KYNISINSDSNDSVNVVDYAPKNQNEEFQVQQTVGYSYGGDINISNGLSGGGNGSKSFSETINYKQESYRTSLDKRTNFK
KIGWDVEAHKIMNNGWGPYGRDSYHSTYGNEMFLGSRQSNLNAGQNFLEYHKMPVLSRGNFNPEFIGVLSRKQNAAKKSK
ITVTYQREMDRYTNFWNQLHWIGNNYKDENRATHTSIYEVDWENHTVKLIDTQSKEKNPMS
;
A
2 'polypeptide(L)'
;DNNIENIGDGAEVVKRTEDTSSDKWGVTQNIQFDFVKDKKYNKDALILKMQGFINSKTTYYNYKNTDHIKAMRWPFQYNI
GLKTNDPNVDLINYLPKNKIDSVNVSQTLGYNIGGNFNSGPSTGGNGSFNYSKTISYNQQNYISEVERQNSKSVQWGIKA
NSFITSLGKMSGHDPNLFVGYKPYSQNPRDYFVPDNELPPLVHSGFNPSFIATVSHEKGSGDTSEFEITYGRNMDVTHAT
RRTTHYGNSYLEGSRIHNAFVNRNYTVKYEVNWKTHEIKVKGHN
;
B,D
#
# COMPACT_ATOMS: atom_id res chain seq x y z
N ALA A 1 15.91 -4.65 18.22
CA ALA A 1 17.03 -5.62 17.89
C ALA A 1 17.46 -6.43 19.12
N GLN A 2 17.75 -7.71 18.87
CA GLN A 2 18.25 -8.69 19.82
C GLN A 2 19.79 -8.72 19.83
N HIS A 3 20.37 -9.32 20.89
CA HIS A 3 21.81 -9.45 21.04
C HIS A 3 22.19 -10.89 21.41
N ILE A 4 23.11 -11.47 20.63
CA ILE A 4 23.53 -12.86 20.80
C ILE A 4 24.45 -12.98 22.04
N THR A 5 25.21 -11.92 22.34
CA THR A 5 26.37 -12.15 23.20
C THR A 5 25.84 -12.43 24.61
N PRO A 6 26.11 -13.62 25.21
CA PRO A 6 25.57 -13.96 26.53
C PRO A 6 26.12 -13.11 27.68
N VAL A 7 25.29 -12.95 28.74
CA VAL A 7 25.70 -12.34 29.99
C VAL A 7 27.02 -12.95 30.51
N SER A 8 27.89 -12.06 30.97
CA SER A 8 29.26 -12.28 31.45
C SER A 8 29.95 -13.47 30.77
N GLU A 9 30.12 -13.35 29.44
CA GLU A 9 30.82 -14.32 28.63
C GLU A 9 32.23 -14.57 29.17
N LYS A 10 32.66 -15.85 29.17
CA LYS A 10 34.05 -16.15 29.47
C LYS A 10 34.89 -15.96 28.20
N LYS A 11 35.81 -14.97 28.26
CA LYS A 11 36.72 -14.73 27.15
C LYS A 11 38.07 -15.41 27.45
N VAL A 12 38.64 -16.06 26.42
CA VAL A 12 40.02 -16.57 26.44
C VAL A 12 40.99 -15.37 26.48
N ASP A 13 42.22 -15.63 26.95
CA ASP A 13 43.33 -14.67 26.86
C ASP A 13 43.47 -14.16 25.42
N ASP A 14 43.47 -12.82 25.25
CA ASP A 14 43.65 -12.14 23.96
C ASP A 14 42.63 -12.65 22.94
N LYS A 15 41.34 -12.72 23.36
CA LYS A 15 40.31 -13.17 22.44
C LYS A 15 40.39 -12.35 21.14
N ILE A 16 40.40 -11.01 21.28
CA ILE A 16 40.38 -10.07 20.18
C ILE A 16 41.74 -9.43 20.03
N THR A 17 42.25 -9.41 18.79
CA THR A 17 43.36 -8.55 18.40
C THR A 17 42.82 -7.64 17.32
N LEU A 18 43.03 -6.35 17.55
CA LEU A 18 42.51 -5.38 16.64
C LEU A 18 43.66 -4.65 15.90
N TYR A 19 43.48 -4.44 14.59
CA TYR A 19 44.38 -3.62 13.80
C TYR A 19 43.59 -2.49 13.14
N LYS A 20 44.12 -1.28 13.14
CA LYS A 20 43.36 -0.17 12.53
C LYS A 20 44.10 0.35 11.29
N THR A 21 43.33 0.96 10.37
CA THR A 21 43.89 1.72 9.25
C THR A 21 42.80 2.63 8.71
N THR A 22 43.17 3.50 7.78
CA THR A 22 42.20 4.45 7.24
C THR A 22 42.59 4.54 5.76
N ALA A 23 41.70 5.07 4.90
CA ALA A 23 42.04 5.34 3.51
C ALA A 23 40.98 6.33 3.00
N THR A 24 41.34 7.17 2.05
CA THR A 24 40.46 8.23 1.66
C THR A 24 40.46 8.27 0.15
N SER A 25 39.42 8.91 -0.38
CA SER A 25 39.40 9.20 -1.80
C SER A 25 38.52 10.43 -2.02
N ASP A 26 38.97 11.40 -2.82
CA ASP A 26 38.25 12.64 -2.99
C ASP A 26 37.92 12.80 -4.46
N SER A 27 36.77 13.40 -4.74
CA SER A 27 36.53 13.99 -6.03
C SER A 27 36.29 15.48 -5.77
N ASP A 28 37.33 16.27 -5.96
CA ASP A 28 37.29 17.72 -5.81
C ASP A 28 36.25 18.33 -6.78
N LYS A 29 36.07 17.79 -7.96
CA LYS A 29 35.13 18.42 -8.88
C LYS A 29 33.68 18.19 -8.45
N LEU A 30 33.36 17.03 -7.89
CA LEU A 30 31.99 16.78 -7.42
C LEU A 30 31.74 17.24 -5.98
N LYS A 31 32.80 17.60 -5.23
CA LYS A 31 32.82 17.88 -3.79
C LYS A 31 32.30 16.66 -3.04
N ILE A 32 32.93 15.52 -3.34
CA ILE A 32 32.57 14.34 -2.60
C ILE A 32 33.88 13.82 -2.00
N SER A 33 33.83 13.39 -0.72
CA SER A 33 35.07 12.91 -0.10
C SER A 33 34.75 11.67 0.71
N GLN A 34 35.46 10.57 0.45
CA GLN A 34 35.20 9.37 1.22
C GLN A 34 36.30 9.31 2.27
N ILE A 35 35.93 9.16 3.55
CA ILE A 35 36.95 9.11 4.59
C ILE A 35 36.63 7.83 5.32
N LEU A 36 37.49 6.82 5.16
CA LEU A 36 37.08 5.49 5.59
C LEU A 36 37.98 5.11 6.75
N THR A 37 37.36 4.53 7.80
CA THR A 37 38.16 3.99 8.91
C THR A 37 37.89 2.48 9.00
N PHE A 38 38.99 1.71 9.27
CA PHE A 38 38.93 0.25 9.27
C PHE A 38 39.38 -0.35 10.60
N ASN A 39 38.67 -1.39 11.06
CA ASN A 39 39.22 -2.16 12.15
C ASN A 39 39.25 -3.60 11.67
N PHE A 40 40.44 -4.19 11.53
CA PHE A 40 40.52 -5.62 11.22
C PHE A 40 40.56 -6.32 12.58
N ILE A 41 39.75 -7.38 12.79
CA ILE A 41 39.66 -8.08 14.07
C ILE A 41 40.05 -9.53 13.87
N LYS A 42 41.07 -9.96 14.63
CA LYS A 42 41.41 -11.38 14.67
C LYS A 42 40.84 -11.89 16.00
N ASP A 43 39.95 -12.88 15.94
CA ASP A 43 39.11 -13.27 17.09
C ASP A 43 39.25 -14.78 17.22
N LYS A 44 39.88 -15.26 18.33
CA LYS A 44 40.14 -16.67 18.48
C LYS A 44 38.81 -17.47 18.53
N SER A 45 37.70 -16.87 18.94
CA SER A 45 36.48 -17.66 18.99
C SER A 45 35.89 -17.83 17.57
N TYR A 46 36.45 -17.23 16.52
CA TYR A 46 35.81 -17.14 15.22
C TYR A 46 36.75 -17.60 14.10
N ASP A 47 36.24 -18.26 13.05
CA ASP A 47 37.14 -18.86 12.07
C ASP A 47 37.30 -17.95 10.84
N LYS A 48 36.82 -16.68 10.91
CA LYS A 48 36.95 -15.77 9.78
C LYS A 48 37.62 -14.52 10.31
N ASP A 49 38.22 -13.71 9.41
CA ASP A 49 38.60 -12.35 9.73
C ASP A 49 37.35 -11.44 9.72
N THR A 50 37.35 -10.41 10.60
CA THR A 50 36.29 -9.39 10.56
C THR A 50 36.91 -8.07 10.15
N LEU A 51 36.21 -7.31 9.34
CA LEU A 51 36.59 -5.95 9.02
C LEU A 51 35.40 -5.03 9.32
N ILE A 52 35.60 -4.04 10.20
CA ILE A 52 34.57 -3.06 10.44
C ILE A 52 34.99 -1.84 9.63
N LEU A 53 34.05 -1.31 8.85
CA LEU A 53 34.40 -0.25 7.91
C LEU A 53 33.48 0.92 8.28
N LYS A 54 34.05 2.05 8.73
CA LYS A 54 33.16 3.18 8.85
C LYS A 54 33.35 4.09 7.63
N ALA A 55 32.24 4.41 7.00
CA ALA A 55 32.26 5.27 5.84
C ALA A 55 31.79 6.65 6.27
N ALA A 56 32.70 7.62 6.22
CA ALA A 56 32.35 8.99 6.62
C ALA A 56 32.91 9.93 5.56
N GLY A 57 32.91 11.23 5.85
CA GLY A 57 33.39 12.23 4.89
C GLY A 57 32.27 13.16 4.45
N ASN A 58 32.21 13.49 3.12
CA ASN A 58 31.37 14.60 2.71
C ASN A 58 30.72 14.27 1.36
N ILE A 59 29.46 14.65 1.16
CA ILE A 59 28.88 14.64 -0.15
C ILE A 59 28.12 15.96 -0.24
N TYR A 60 28.60 16.84 -1.10
CA TYR A 60 27.87 18.07 -1.34
C TYR A 60 26.46 17.81 -1.90
N SER A 61 25.43 18.65 -1.63
CA SER A 61 24.05 18.39 -2.06
C SER A 61 23.90 18.65 -3.56
N GLY A 62 24.89 19.36 -4.18
CA GLY A 62 24.82 19.77 -5.59
C GLY A 62 23.87 20.95 -5.78
N TYR A 63 23.51 21.65 -4.69
CA TYR A 63 22.56 22.73 -4.79
C TYR A 63 23.17 23.83 -5.65
N THR A 64 22.34 24.50 -6.48
CA THR A 64 22.80 25.62 -7.30
C THR A 64 21.87 26.80 -6.99
N LYS A 65 22.40 27.99 -6.82
CA LYS A 65 21.53 29.12 -6.49
C LYS A 65 20.69 29.46 -7.71
N PRO A 66 19.42 29.85 -7.59
CA PRO A 66 18.72 30.36 -8.78
C PRO A 66 19.29 31.71 -9.22
N ASN A 67 19.20 32.01 -10.52
CA ASN A 67 19.56 33.32 -11.02
C ASN A 67 18.48 34.36 -10.64
N PRO A 68 18.77 35.40 -9.84
CA PRO A 68 17.76 36.37 -9.41
C PRO A 68 17.14 37.26 -10.50
N LYS A 69 17.76 37.25 -11.67
CA LYS A 69 17.22 37.96 -12.81
C LYS A 69 16.14 37.15 -13.53
N ASP A 70 16.05 35.85 -13.27
CA ASP A 70 14.99 35.10 -13.93
C ASP A 70 13.70 35.82 -13.54
N THR A 71 12.85 36.18 -14.51
CA THR A 71 11.72 37.07 -14.20
C THR A 71 10.37 36.35 -14.11
N ILE A 72 9.96 35.58 -15.13
CA ILE A 72 8.67 34.87 -15.17
C ILE A 72 8.80 33.44 -14.64
N SER A 73 9.97 32.83 -14.91
CA SER A 73 10.18 31.43 -14.58
C SER A 73 11.59 31.25 -14.02
N SER A 74 11.77 30.51 -12.91
CA SER A 74 13.12 30.26 -12.48
C SER A 74 13.28 28.79 -12.05
N GLN A 75 14.48 28.38 -11.60
CA GLN A 75 14.69 26.99 -11.21
C GLN A 75 16.01 26.89 -10.49
N PHE A 76 16.21 25.79 -9.74
CA PHE A 76 17.53 25.50 -9.18
C PHE A 76 17.55 24.01 -8.92
N TYR A 77 18.73 23.44 -8.81
CA TYR A 77 18.90 22.06 -8.37
C TYR A 77 19.13 22.01 -6.86
N TRP A 78 18.70 20.94 -6.20
CA TRP A 78 18.89 20.77 -4.79
C TRP A 78 19.08 19.27 -4.53
N GLY A 79 19.64 18.92 -3.40
CA GLY A 79 20.04 17.53 -3.22
C GLY A 79 18.88 16.76 -2.59
N SER A 80 18.29 15.86 -3.37
CA SER A 80 17.04 15.23 -2.96
C SER A 80 17.25 13.83 -2.39
N LYS A 81 18.42 13.24 -2.73
CA LYS A 81 18.61 11.88 -2.29
C LYS A 81 20.09 11.54 -2.38
N TYR A 82 20.61 10.87 -1.37
CA TYR A 82 21.99 10.45 -1.45
C TYR A 82 22.04 8.93 -1.41
N ASN A 83 23.15 8.32 -1.86
CA ASN A 83 23.28 6.86 -1.84
C ASN A 83 24.72 6.55 -1.45
N ILE A 84 24.92 5.62 -0.51
CA ILE A 84 26.24 5.13 -0.17
C ILE A 84 26.15 3.61 -0.24
N SER A 85 27.13 2.93 -0.82
CA SER A 85 27.15 1.48 -0.83
C SER A 85 28.59 0.98 -0.66
N ILE A 86 28.70 -0.19 0.02
CA ILE A 86 29.96 -0.89 0.18
C ILE A 86 29.74 -2.29 -0.39
N ASN A 87 30.64 -2.77 -1.27
CA ASN A 87 30.47 -4.15 -1.73
C ASN A 87 31.81 -4.86 -1.91
N SER A 88 31.80 -6.20 -1.88
CA SER A 88 32.98 -6.99 -2.21
C SER A 88 32.70 -7.67 -3.56
N ASP A 89 33.56 -8.59 -4.01
CA ASP A 89 33.36 -9.01 -5.38
C ASP A 89 32.87 -10.46 -5.36
N SER A 90 32.17 -10.86 -6.40
CA SER A 90 31.52 -12.15 -6.26
C SER A 90 32.60 -13.24 -6.27
N ASN A 91 33.79 -13.01 -6.80
CA ASN A 91 34.66 -14.20 -6.78
C ASN A 91 35.45 -14.30 -5.46
N ASP A 92 35.34 -13.34 -4.53
CA ASP A 92 36.27 -13.44 -3.42
C ASP A 92 35.47 -14.05 -2.28
N SER A 93 36.07 -14.19 -1.12
CA SER A 93 35.36 -14.91 -0.05
C SER A 93 34.87 -13.94 1.02
N VAL A 94 34.57 -12.70 0.65
CA VAL A 94 34.28 -11.64 1.59
C VAL A 94 32.78 -11.33 1.49
N ASN A 95 32.10 -11.42 2.65
CA ASN A 95 30.66 -11.19 2.75
C ASN A 95 30.38 -9.96 3.62
N VAL A 96 29.24 -9.31 3.35
CA VAL A 96 28.78 -8.28 4.24
C VAL A 96 27.88 -8.92 5.30
N VAL A 97 28.29 -8.93 6.57
CA VAL A 97 27.54 -9.69 7.58
C VAL A 97 26.65 -8.82 8.44
N ASP A 98 26.95 -7.51 8.54
CA ASP A 98 26.16 -6.63 9.42
C ASP A 98 26.46 -5.19 9.00
N TYR A 99 25.68 -4.24 9.53
CA TYR A 99 25.78 -2.86 9.09
C TYR A 99 24.88 -1.99 9.95
N ALA A 100 25.13 -0.68 9.93
CA ALA A 100 24.24 0.22 10.64
C ALA A 100 24.24 1.55 9.88
N PRO A 101 23.10 2.30 9.79
CA PRO A 101 21.86 1.93 10.47
C PRO A 101 21.06 0.91 9.64
N LYS A 102 19.94 0.46 10.19
CA LYS A 102 19.01 -0.48 9.59
C LYS A 102 17.68 0.21 9.43
N ASN A 103 16.79 -0.44 8.70
CA ASN A 103 15.47 0.09 8.48
C ASN A 103 14.67 0.20 9.78
N GLN A 104 13.90 1.29 9.85
CA GLN A 104 13.23 1.61 11.12
C GLN A 104 11.76 1.21 11.01
N ASN A 105 11.34 0.41 12.00
CA ASN A 105 9.95 0.04 12.16
C ASN A 105 9.51 1.16 13.12
N GLU A 106 8.92 2.22 12.57
CA GLU A 106 8.87 3.49 13.31
C GLU A 106 7.89 3.35 14.49
N GLU A 107 8.12 4.15 15.54
CA GLU A 107 7.29 4.12 16.73
C GLU A 107 6.74 5.52 16.96
N PHE A 108 5.56 5.56 17.59
CA PHE A 108 4.98 6.86 17.93
C PHE A 108 4.09 6.71 19.14
N GLN A 109 3.73 7.82 19.81
CA GLN A 109 2.87 7.71 20.98
C GLN A 109 1.45 8.12 20.61
N VAL A 110 0.47 7.42 21.18
CA VAL A 110 -0.92 7.75 20.95
C VAL A 110 -1.57 8.13 22.27
N GLN A 111 -2.45 9.13 22.24
CA GLN A 111 -3.27 9.42 23.41
C GLN A 111 -4.68 9.76 22.95
N GLN A 112 -5.67 9.04 23.46
CA GLN A 112 -7.05 9.21 23.06
C GLN A 112 -7.84 9.55 24.31
N THR A 113 -8.63 10.64 24.24
CA THR A 113 -9.45 11.16 25.32
C THR A 113 -10.91 11.23 24.87
N VAL A 114 -11.81 10.71 25.72
CA VAL A 114 -13.25 10.94 25.67
C VAL A 114 -13.68 11.83 26.83
N GLY A 115 -14.56 12.80 26.56
CA GLY A 115 -15.07 13.66 27.61
C GLY A 115 -16.60 13.74 27.51
N TYR A 116 -17.28 13.70 28.64
CA TYR A 116 -18.71 13.94 28.67
C TYR A 116 -18.94 15.04 29.65
N SER A 117 -20.12 15.66 29.51
CA SER A 117 -20.46 16.83 30.29
C SER A 117 -21.97 17.03 30.33
N TYR A 118 -22.48 17.38 31.51
CA TYR A 118 -23.89 17.62 31.72
C TYR A 118 -24.04 18.77 32.72
N GLY A 119 -24.70 19.86 32.30
CA GLY A 119 -24.87 21.04 33.12
C GLY A 119 -26.22 21.76 32.96
N GLY A 120 -26.96 21.89 34.07
CA GLY A 120 -28.24 22.59 34.08
C GLY A 120 -28.34 23.62 35.19
N ASP A 121 -29.59 23.79 35.68
CA ASP A 121 -30.04 24.58 36.82
C ASP A 121 -30.24 26.04 36.40
N GLY A 132 -31.21 21.62 31.45
CA GLY A 132 -29.92 21.90 30.79
C GLY A 132 -29.58 20.92 29.66
N ASN A 133 -28.33 20.47 29.62
CA ASN A 133 -27.71 20.02 28.37
C ASN A 133 -26.43 19.21 28.63
N GLY A 134 -25.98 18.52 27.57
CA GLY A 134 -24.83 17.62 27.54
C GLY A 134 -23.86 17.97 26.40
N SER A 135 -22.67 17.34 26.44
CA SER A 135 -21.71 17.31 25.33
C SER A 135 -20.84 16.06 25.46
N LYS A 136 -20.48 15.43 24.31
CA LYS A 136 -19.47 14.39 24.22
C LYS A 136 -18.27 15.03 23.55
N SER A 137 -17.05 14.62 23.94
CA SER A 137 -15.79 15.02 23.32
C SER A 137 -15.04 13.79 22.83
N PHE A 138 -14.28 13.93 21.74
CA PHE A 138 -13.30 12.90 21.50
C PHE A 138 -12.08 13.61 20.92
N SER A 139 -10.87 13.18 21.32
CA SER A 139 -9.70 13.64 20.62
C SER A 139 -8.62 12.60 20.65
N GLU A 140 -7.74 12.71 19.66
CA GLU A 140 -6.67 11.77 19.48
C GLU A 140 -5.44 12.59 19.14
N THR A 141 -4.39 12.35 19.92
CA THR A 141 -3.12 13.03 19.71
C THR A 141 -2.07 11.99 19.36
N ILE A 142 -1.22 12.32 18.40
CA ILE A 142 -0.09 11.46 18.07
C ILE A 142 1.16 12.27 18.25
N ASN A 143 2.21 11.67 18.86
CA ASN A 143 3.46 12.36 19.04
C ASN A 143 4.52 11.50 18.38
N TYR A 144 5.43 12.12 17.63
CA TYR A 144 6.49 11.39 16.91
C TYR A 144 7.61 12.35 16.53
N LYS A 145 8.79 11.77 16.23
CA LYS A 145 9.91 12.54 15.70
C LYS A 145 9.87 12.61 14.20
N GLN A 146 10.22 13.78 13.67
CA GLN A 146 10.13 13.96 12.23
C GLN A 146 11.50 14.42 11.72
N GLU A 147 12.11 13.66 10.82
CA GLU A 147 13.45 13.92 10.33
C GLU A 147 13.29 14.60 8.98
N SER A 148 14.16 15.56 8.64
CA SER A 148 13.94 16.21 7.34
C SER A 148 14.32 15.24 6.20
N TYR A 149 15.35 14.39 6.42
CA TYR A 149 15.72 13.34 5.48
C TYR A 149 15.67 11.99 6.19
N ARG A 150 15.31 10.88 5.51
CA ARG A 150 15.16 9.62 6.20
C ARG A 150 16.14 8.64 5.55
N THR A 151 16.78 7.75 6.33
CA THR A 151 17.73 6.77 5.78
C THR A 151 17.07 5.39 5.75
N SER A 152 17.09 4.70 4.60
CA SER A 152 16.72 3.30 4.53
C SER A 152 17.69 2.53 3.66
N LEU A 153 17.54 1.19 3.70
CA LEU A 153 18.37 0.32 2.84
C LEU A 153 18.01 0.44 1.37
N ASP A 154 19.07 0.33 0.56
CA ASP A 154 18.92 0.36 -0.89
C ASP A 154 18.56 -1.06 -1.28
N LYS A 155 17.75 -1.20 -2.33
CA LYS A 155 17.23 -2.50 -2.70
C LYS A 155 18.36 -3.40 -3.25
N ARG A 156 19.53 -2.93 -3.65
CA ARG A 156 20.58 -3.83 -4.12
C ARG A 156 21.35 -4.49 -2.95
N THR A 157 20.93 -4.28 -1.70
CA THR A 157 21.61 -4.92 -0.58
C THR A 157 21.55 -6.42 -0.73
N ASN A 158 22.71 -7.10 -0.61
CA ASN A 158 22.68 -8.56 -0.47
C ASN A 158 23.93 -9.01 0.27
N PHE A 159 24.25 -10.28 0.16
CA PHE A 159 25.27 -10.89 1.00
C PHE A 159 26.63 -10.30 0.70
N LYS A 160 26.77 -9.58 -0.43
CA LYS A 160 28.05 -8.96 -0.75
C LYS A 160 27.97 -7.43 -0.90
N LYS A 161 26.85 -6.80 -0.53
CA LYS A 161 26.72 -5.36 -0.77
C LYS A 161 25.74 -4.82 0.24
N ILE A 162 26.18 -3.74 0.93
CA ILE A 162 25.22 -2.92 1.68
C ILE A 162 25.19 -1.52 1.08
N GLY A 163 23.95 -1.02 0.88
CA GLY A 163 23.68 0.30 0.35
C GLY A 163 22.55 0.98 1.14
N TRP A 164 22.71 2.30 1.35
CA TRP A 164 21.73 3.09 2.07
C TRP A 164 21.33 4.25 1.15
N ASP A 165 20.05 4.62 1.21
CA ASP A 165 19.47 5.79 0.53
C ASP A 165 19.02 6.77 1.63
N VAL A 166 19.41 8.03 1.53
CA VAL A 166 19.05 9.13 2.43
C VAL A 166 18.21 10.13 1.60
N GLU A 167 16.92 10.18 1.82
CA GLU A 167 16.02 10.88 0.91
C GLU A 167 15.26 12.01 1.61
N ALA A 168 15.03 13.10 0.87
CA ALA A 168 14.25 14.23 1.37
C ALA A 168 12.94 13.63 1.88
N HIS A 169 12.55 14.07 3.07
CA HIS A 169 11.44 13.44 3.77
C HIS A 169 10.32 14.43 4.13
N LYS A 170 10.60 15.37 5.05
CA LYS A 170 9.56 16.25 5.54
C LYS A 170 10.20 17.63 5.66
N ILE A 171 9.84 18.48 4.70
CA ILE A 171 10.52 19.78 4.56
C ILE A 171 9.52 20.90 4.81
N MET A 172 9.83 21.80 5.74
CA MET A 172 8.91 22.88 6.12
C MET A 172 9.24 24.11 5.31
N ASN A 173 8.23 24.94 5.02
CA ASN A 173 8.46 26.11 4.18
C ASN A 173 7.78 27.25 4.89
N ASN A 174 8.55 27.94 5.75
CA ASN A 174 8.01 29.09 6.47
C ASN A 174 6.70 28.75 7.17
N GLY A 175 6.67 27.64 7.92
CA GLY A 175 5.44 27.27 8.63
C GLY A 175 4.43 26.39 7.86
N TRP A 176 4.47 26.41 6.53
CA TRP A 176 3.70 25.49 5.70
C TRP A 176 4.41 24.14 5.50
N GLY A 177 3.60 23.11 5.30
CA GLY A 177 4.11 21.78 4.94
C GLY A 177 3.87 20.84 6.11
N PRO A 178 4.63 19.77 6.35
CA PRO A 178 5.83 19.47 5.58
C PRO A 178 5.54 19.07 4.14
N TYR A 179 6.49 19.36 3.26
CA TYR A 179 6.39 19.01 1.87
C TYR A 179 7.37 17.89 1.57
N GLY A 180 7.18 17.24 0.44
CA GLY A 180 8.26 16.36 -0.05
C GLY A 180 8.38 16.47 -1.58
N ARG A 181 9.07 15.51 -2.20
CA ARG A 181 9.47 15.64 -3.62
C ARG A 181 8.27 15.51 -4.54
N ASP A 182 7.12 15.04 -3.97
CA ASP A 182 5.96 14.83 -4.85
C ASP A 182 4.77 15.61 -4.28
N SER A 183 4.99 16.59 -3.42
CA SER A 183 3.81 17.22 -2.85
C SER A 183 3.00 17.83 -3.99
N TYR A 184 1.71 18.03 -3.79
CA TYR A 184 0.96 18.45 -4.96
C TYR A 184 -0.26 19.24 -4.51
N HIS A 185 -0.42 20.42 -5.06
CA HIS A 185 -1.62 21.22 -4.79
C HIS A 185 -2.24 21.49 -6.16
N SER A 186 -3.55 21.26 -6.30
CA SER A 186 -4.13 21.34 -7.62
C SER A 186 -4.17 22.78 -8.13
N THR A 187 -4.04 23.77 -7.25
CA THR A 187 -3.82 25.09 -7.80
C THR A 187 -2.32 25.45 -7.85
N TYR A 188 -1.56 25.19 -6.78
CA TYR A 188 -0.23 25.80 -6.75
C TYR A 188 0.91 24.86 -7.13
N GLY A 189 0.63 23.58 -7.41
CA GLY A 189 1.70 22.64 -7.76
C GLY A 189 2.44 22.11 -6.52
N ASN A 190 3.76 21.92 -6.66
CA ASN A 190 4.61 21.50 -5.54
C ASN A 190 5.16 22.80 -4.93
N GLU A 191 4.65 23.20 -3.74
CA GLU A 191 5.05 24.47 -3.12
C GLU A 191 6.22 24.33 -2.14
N MET A 192 6.93 23.19 -2.17
CA MET A 192 8.03 22.94 -1.21
C MET A 192 9.01 24.14 -0.97
N PHE A 193 9.55 24.75 -2.03
CA PHE A 193 10.46 25.88 -1.87
C PHE A 193 9.91 27.14 -2.56
N LEU A 194 8.62 27.20 -2.80
CA LEU A 194 8.04 28.44 -3.35
C LEU A 194 8.07 29.56 -2.31
N GLY A 195 8.59 30.75 -2.63
CA GLY A 195 8.59 31.82 -1.65
C GLY A 195 7.16 32.24 -1.27
N SER A 196 6.38 32.76 -2.21
CA SER A 196 4.98 33.03 -1.90
C SER A 196 4.11 32.92 -3.15
N ARG A 197 2.79 32.75 -2.93
CA ARG A 197 1.81 32.60 -4.03
C ARG A 197 1.60 33.88 -4.85
N GLN A 198 1.72 35.06 -4.22
CA GLN A 198 1.40 36.31 -4.91
C GLN A 198 2.57 37.31 -5.03
N SER A 199 3.80 36.92 -4.81
CA SER A 199 4.91 37.87 -4.74
C SER A 199 4.95 38.72 -5.99
N ASN A 200 5.39 39.98 -5.87
CA ASN A 200 5.75 40.69 -7.11
C ASN A 200 7.28 40.69 -7.34
N LEU A 201 7.99 39.80 -6.66
CA LEU A 201 9.42 39.63 -6.90
C LEU A 201 9.60 38.91 -8.23
N ASN A 202 10.76 39.08 -8.86
CA ASN A 202 11.20 38.16 -9.91
C ASN A 202 11.14 36.70 -9.47
N ALA A 203 10.92 35.80 -10.44
CA ALA A 203 10.84 34.37 -10.20
C ALA A 203 12.11 33.91 -9.50
N GLY A 204 13.27 34.37 -9.98
CA GLY A 204 14.55 34.02 -9.40
C GLY A 204 14.63 34.43 -7.94
N GLN A 205 13.73 35.30 -7.47
CA GLN A 205 13.88 35.79 -6.11
C GLN A 205 12.68 35.29 -5.29
N ASN A 206 11.86 34.44 -5.86
CA ASN A 206 10.65 34.09 -5.14
C ASN A 206 10.72 32.62 -4.70
N PHE A 207 11.89 32.23 -4.11
CA PHE A 207 12.03 30.91 -3.52
C PHE A 207 12.22 31.05 -2.00
N LEU A 208 12.01 29.95 -1.24
CA LEU A 208 12.29 29.97 0.20
C LEU A 208 13.75 30.40 0.38
N GLU A 209 13.99 31.29 1.33
CA GLU A 209 15.33 31.75 1.63
C GLU A 209 16.25 30.53 1.79
N TYR A 210 17.45 30.67 1.25
CA TYR A 210 18.46 29.63 1.33
C TYR A 210 18.62 29.13 2.75
N HIS A 211 18.78 30.02 3.74
CA HIS A 211 19.17 29.58 5.09
C HIS A 211 18.04 28.78 5.76
N LYS A 212 16.78 28.87 5.28
CA LYS A 212 15.69 28.10 5.86
C LYS A 212 15.59 26.71 5.25
N MET A 213 16.28 26.46 4.13
CA MET A 213 16.16 25.14 3.52
C MET A 213 16.92 24.16 4.45
N PRO A 214 16.64 22.85 4.49
CA PRO A 214 17.44 21.95 5.35
C PRO A 214 18.87 21.88 4.82
N VAL A 215 19.82 21.55 5.68
CA VAL A 215 21.22 21.62 5.24
C VAL A 215 21.50 20.50 4.21
N LEU A 216 20.78 19.36 4.26
CA LEU A 216 21.04 18.28 3.31
C LEU A 216 20.58 18.67 1.91
N SER A 217 19.66 19.65 1.84
CA SER A 217 19.13 20.02 0.53
C SER A 217 20.04 21.08 -0.14
N ARG A 218 20.75 21.92 0.65
CA ARG A 218 21.46 23.05 0.05
C ARG A 218 22.93 23.02 0.47
N GLY A 219 23.36 22.21 1.44
CA GLY A 219 24.74 22.35 1.97
C GLY A 219 25.48 21.00 1.80
N ASN A 220 26.15 20.50 2.83
CA ASN A 220 26.95 19.29 2.75
C ASN A 220 26.34 18.21 3.64
N PHE A 221 26.20 17.00 3.09
CA PHE A 221 25.85 15.84 3.86
C PHE A 221 27.17 15.24 4.43
N ASN A 222 27.22 14.93 5.75
CA ASN A 222 28.41 14.26 6.32
C ASN A 222 28.04 12.85 6.75
N PRO A 223 28.17 11.88 5.84
CA PRO A 223 27.66 10.54 6.09
C PRO A 223 28.40 9.85 7.22
N GLU A 224 27.67 8.96 7.94
CA GLU A 224 28.33 8.06 8.86
C GLU A 224 27.64 6.69 8.79
N PHE A 225 28.21 5.72 8.08
CA PHE A 225 27.61 4.40 7.90
C PHE A 225 28.67 3.38 8.34
N ILE A 226 28.23 2.21 8.79
CA ILE A 226 29.16 1.16 9.20
C ILE A 226 28.81 -0.08 8.41
N GLY A 227 29.79 -0.72 7.79
CA GLY A 227 29.60 -2.04 7.23
C GLY A 227 30.55 -2.99 7.97
N VAL A 228 30.15 -4.26 8.13
CA VAL A 228 30.97 -5.24 8.81
C VAL A 228 31.09 -6.38 7.81
N LEU A 229 32.35 -6.76 7.50
CA LEU A 229 32.60 -7.76 6.46
C LEU A 229 33.35 -8.94 7.08
N SER A 230 33.19 -10.13 6.51
CA SER A 230 33.93 -11.26 7.00
C SER A 230 34.72 -11.79 5.83
N ARG A 231 35.85 -12.43 6.15
CA ARG A 231 36.63 -13.01 5.07
C ARG A 231 37.13 -14.39 5.49
N LYS A 232 36.96 -15.42 4.65
CA LYS A 232 37.42 -16.74 5.06
C LYS A 232 38.95 -16.78 5.17
N GLN A 233 39.50 -17.52 6.16
CA GLN A 233 40.94 -17.48 6.43
C GLN A 233 41.76 -18.16 5.35
N ASN A 234 41.12 -19.02 4.59
CA ASN A 234 41.80 -19.79 3.57
C ASN A 234 41.88 -19.01 2.25
N ALA A 235 41.20 -17.86 2.09
CA ALA A 235 40.99 -17.20 0.82
C ALA A 235 42.27 -16.47 0.47
N ALA A 236 42.35 -15.84 -0.71
CA ALA A 236 43.58 -15.13 -1.05
C ALA A 236 43.76 -13.98 -0.07
N LYS A 237 44.96 -13.51 0.17
CA LYS A 237 45.10 -12.54 1.23
C LYS A 237 44.67 -11.13 0.83
N LYS A 238 44.54 -10.80 -0.47
CA LYS A 238 44.10 -9.45 -0.84
C LYS A 238 42.74 -9.57 -1.52
N SER A 239 41.89 -8.54 -1.41
CA SER A 239 40.62 -8.55 -2.11
C SER A 239 40.28 -7.08 -2.36
N LYS A 240 39.16 -6.81 -3.01
CA LYS A 240 38.91 -5.46 -3.35
C LYS A 240 37.59 -5.08 -2.73
N ILE A 241 37.44 -3.82 -2.29
CA ILE A 241 36.14 -3.39 -1.78
C ILE A 241 35.78 -2.09 -2.50
N THR A 242 34.54 -1.97 -2.96
CA THR A 242 34.15 -0.82 -3.78
C THR A 242 33.22 -0.01 -2.89
N VAL A 243 33.48 1.31 -2.82
CA VAL A 243 32.64 2.21 -2.08
C VAL A 243 32.12 3.28 -3.05
N THR A 244 30.79 3.51 -3.03
CA THR A 244 30.20 4.49 -3.92
C THR A 244 29.50 5.51 -3.04
N TYR A 245 29.76 6.81 -3.31
CA TYR A 245 29.02 7.87 -2.65
C TYR A 245 28.35 8.64 -3.77
N GLN A 246 27.07 8.90 -3.65
CA GLN A 246 26.46 9.50 -4.82
C GLN A 246 25.43 10.50 -4.32
N ARG A 247 25.15 11.59 -5.10
CA ARG A 247 23.96 12.39 -4.83
C ARG A 247 23.05 12.40 -6.02
N GLU A 248 21.76 12.58 -5.76
CA GLU A 248 20.79 12.75 -6.81
C GLU A 248 20.06 14.08 -6.60
N MET A 249 19.80 14.82 -7.68
CA MET A 249 19.34 16.20 -7.56
C MET A 249 18.01 16.30 -8.26
N ASP A 250 17.05 17.04 -7.66
CA ASP A 250 15.81 17.38 -8.33
C ASP A 250 15.91 18.83 -8.79
N ARG A 251 15.01 19.25 -9.68
CA ARG A 251 15.07 20.62 -10.14
C ARG A 251 13.75 21.18 -9.70
N TYR A 252 13.82 22.18 -8.82
CA TYR A 252 12.66 22.86 -8.31
C TYR A 252 12.47 24.07 -9.19
N THR A 253 11.22 24.33 -9.60
CA THR A 253 10.94 25.45 -10.50
C THR A 253 9.77 26.26 -9.97
N ASN A 254 9.68 27.55 -10.36
CA ASN A 254 8.46 28.31 -10.16
C ASN A 254 8.11 28.96 -11.50
N PHE A 255 6.88 29.46 -11.60
CA PHE A 255 6.33 30.01 -12.84
C PHE A 255 5.18 30.95 -12.45
N TRP A 256 5.18 32.12 -13.09
CA TRP A 256 4.10 33.09 -12.88
C TRP A 256 3.11 32.95 -14.02
N ASN A 257 1.86 32.67 -13.68
CA ASN A 257 0.92 32.25 -14.72
C ASN A 257 -0.05 33.41 -15.01
N GLN A 258 0.34 34.62 -14.63
CA GLN A 258 -0.51 35.81 -14.70
C GLN A 258 -1.38 35.99 -13.45
N LEU A 259 -1.96 34.92 -12.88
CA LEU A 259 -2.79 35.11 -11.70
C LEU A 259 -1.98 34.94 -10.42
N HIS A 260 -1.04 33.98 -10.42
CA HIS A 260 -0.33 33.64 -9.20
C HIS A 260 0.83 32.73 -9.58
N TRP A 261 1.64 32.37 -8.55
CA TRP A 261 2.81 31.51 -8.69
C TRP A 261 2.42 30.04 -8.64
N ILE A 262 3.11 29.24 -9.45
CA ILE A 262 2.99 27.79 -9.37
C ILE A 262 4.42 27.34 -9.04
N GLY A 263 4.56 26.18 -8.38
CA GLY A 263 5.86 25.56 -8.13
C GLY A 263 5.82 24.17 -8.74
N ASN A 264 6.96 23.61 -9.10
CA ASN A 264 7.00 22.24 -9.61
C ASN A 264 8.32 21.62 -9.08
N ASN A 265 8.39 20.33 -8.82
CA ASN A 265 9.67 19.70 -8.44
C ASN A 265 9.86 18.52 -9.39
N TYR A 266 10.97 18.51 -10.17
CA TYR A 266 11.23 17.47 -11.13
C TYR A 266 12.26 16.54 -10.52
N LYS A 267 11.96 15.26 -10.36
CA LYS A 267 12.74 14.36 -9.56
C LYS A 267 13.87 13.81 -10.41
N ASP A 268 15.05 13.65 -9.83
CA ASP A 268 16.07 12.85 -10.47
C ASP A 268 16.42 13.51 -11.79
N GLU A 269 16.71 14.81 -11.74
CA GLU A 269 17.15 15.53 -12.92
C GLU A 269 18.67 15.45 -13.11
N ASN A 270 19.43 15.02 -12.11
CA ASN A 270 20.86 14.85 -12.37
C ASN A 270 21.33 13.98 -11.23
N ARG A 271 22.53 13.44 -11.40
CA ARG A 271 23.16 12.67 -10.34
C ARG A 271 24.67 12.85 -10.48
N ALA A 272 25.38 12.74 -9.35
CA ALA A 272 26.81 12.85 -9.38
C ALA A 272 27.28 11.75 -8.46
N THR A 273 28.29 10.99 -8.91
CA THR A 273 28.65 9.74 -8.27
C THR A 273 30.19 9.62 -8.24
N HIS A 274 30.71 9.12 -7.14
CA HIS A 274 32.12 8.91 -6.89
C HIS A 274 32.27 7.48 -6.37
N THR A 275 32.88 6.62 -7.17
CA THR A 275 33.05 5.23 -6.83
C THR A 275 34.53 5.00 -6.68
N SER A 276 34.92 4.42 -5.54
CA SER A 276 36.32 4.10 -5.33
C SER A 276 36.50 2.62 -5.08
N ILE A 277 37.58 2.04 -5.60
CA ILE A 277 37.90 0.66 -5.28
C ILE A 277 39.19 0.66 -4.47
N TYR A 278 39.21 -0.10 -3.33
CA TYR A 278 40.38 -0.18 -2.47
C TYR A 278 40.84 -1.63 -2.52
N GLU A 279 42.13 -1.80 -2.43
CA GLU A 279 42.63 -3.14 -2.30
C GLU A 279 42.93 -3.39 -0.82
N VAL A 280 42.35 -4.42 -0.24
CA VAL A 280 42.43 -4.66 1.18
C VAL A 280 43.39 -5.83 1.35
N ASP A 281 44.50 -5.63 2.07
CA ASP A 281 45.37 -6.80 2.35
C ASP A 281 45.06 -7.31 3.76
N TRP A 282 44.49 -8.51 3.84
CA TRP A 282 43.93 -8.96 5.10
C TRP A 282 45.01 -9.55 6.00
N GLU A 283 46.18 -9.85 5.47
CA GLU A 283 47.26 -10.39 6.29
C GLU A 283 48.10 -9.23 6.85
N ASN A 284 48.39 -8.22 6.05
CA ASN A 284 49.11 -7.06 6.54
C ASN A 284 48.22 -5.97 7.14
N HIS A 285 46.89 -6.06 6.99
CA HIS A 285 45.94 -5.07 7.54
C HIS A 285 46.16 -3.69 6.95
N THR A 286 46.19 -3.62 5.58
CA THR A 286 46.37 -2.35 4.90
C THR A 286 45.24 -2.21 3.88
N VAL A 287 44.83 -0.97 3.64
CA VAL A 287 43.88 -0.66 2.59
C VAL A 287 44.54 0.41 1.70
N LYS A 288 44.58 0.24 0.36
CA LYS A 288 45.17 1.22 -0.54
C LYS A 288 44.11 1.55 -1.60
N LEU A 289 43.96 2.84 -2.00
CA LEU A 289 43.01 3.19 -3.08
C LEU A 289 43.69 2.75 -4.38
N ILE A 290 42.96 2.03 -5.25
CA ILE A 290 43.54 1.69 -6.54
C ILE A 290 42.73 2.20 -7.73
N ASP A 291 41.51 2.72 -7.55
CA ASP A 291 40.75 3.08 -8.76
C ASP A 291 39.70 4.07 -8.30
N THR A 292 39.48 5.13 -9.05
CA THR A 292 38.44 6.07 -8.67
C THR A 292 37.68 6.44 -9.93
N GLN A 293 36.37 6.64 -9.77
CA GLN A 293 35.56 7.03 -10.89
C GLN A 293 34.51 8.05 -10.46
N SER A 294 34.44 9.15 -11.22
CA SER A 294 33.52 10.22 -10.93
C SER A 294 32.68 10.47 -12.18
N LYS A 295 31.38 10.66 -11.99
CA LYS A 295 30.59 11.01 -13.15
C LYS A 295 29.42 11.90 -12.75
N GLU A 296 28.91 12.62 -13.75
CA GLU A 296 27.76 13.48 -13.53
C GLU A 296 26.91 13.40 -14.81
N LYS A 297 25.64 13.02 -14.66
CA LYS A 297 24.72 12.77 -15.76
C LYS A 297 24.54 14.05 -16.60
N ASN A 298 24.36 15.21 -15.98
CA ASN A 298 24.13 16.38 -16.80
C ASN A 298 24.85 17.56 -16.19
N PRO A 299 26.18 17.72 -16.34
CA PRO A 299 26.88 18.83 -15.68
C PRO A 299 26.41 20.10 -16.40
N MET A 300 26.49 21.24 -15.73
CA MET A 300 26.21 22.56 -16.29
C MET A 300 27.27 22.91 -17.33
N SER A 301 26.91 23.83 -18.23
CA SER A 301 27.88 24.38 -19.17
C SER A 301 27.17 24.63 -20.51
N ILE B 4 16.94 -16.54 37.86
CA ILE B 4 17.48 -17.74 37.05
C ILE B 4 18.58 -17.30 36.09
N GLU B 5 19.63 -18.13 35.92
CA GLU B 5 20.67 -17.93 34.90
C GLU B 5 20.41 -18.74 33.64
N ASN B 6 20.32 -18.04 32.50
CA ASN B 6 20.03 -18.63 31.21
C ASN B 6 21.24 -19.42 30.73
N ILE B 7 20.95 -20.34 29.81
CA ILE B 7 21.99 -21.17 29.23
C ILE B 7 22.84 -20.21 28.39
N GLY B 8 24.17 -20.25 28.57
CA GLY B 8 25.02 -19.31 27.87
C GLY B 8 25.61 -18.21 28.76
N ASP B 9 24.92 -17.80 29.82
CA ASP B 9 25.46 -16.86 30.79
C ASP B 9 26.75 -17.46 31.38
N GLY B 10 27.86 -16.73 31.22
CA GLY B 10 29.09 -17.19 31.85
C GLY B 10 29.85 -18.14 30.93
N ALA B 11 29.35 -18.40 29.72
CA ALA B 11 29.95 -19.45 28.88
C ALA B 11 31.02 -18.88 27.93
N GLU B 12 31.91 -19.72 27.40
CA GLU B 12 32.75 -19.38 26.29
C GLU B 12 31.92 -19.58 25.04
N VAL B 13 32.13 -18.79 24.00
CA VAL B 13 31.37 -18.89 22.76
C VAL B 13 32.32 -19.35 21.65
N VAL B 14 31.84 -20.18 20.71
CA VAL B 14 32.50 -20.33 19.41
C VAL B 14 31.54 -19.78 18.34
N LYS B 15 32.02 -18.74 17.61
CA LYS B 15 31.21 -17.97 16.69
C LYS B 15 31.45 -18.45 15.27
N ARG B 16 30.36 -18.63 14.52
CA ARG B 16 30.37 -18.83 13.07
C ARG B 16 29.29 -17.99 12.44
N THR B 17 29.50 -17.59 11.17
CA THR B 17 28.51 -16.78 10.46
C THR B 17 28.27 -17.44 9.11
N GLU B 18 27.05 -17.26 8.57
CA GLU B 18 26.78 -17.59 7.19
C GLU B 18 25.87 -16.50 6.61
N ASP B 19 26.12 -16.13 5.34
CA ASP B 19 25.36 -15.08 4.66
C ASP B 19 24.92 -15.66 3.31
N THR B 20 23.62 -15.73 3.09
CA THR B 20 23.16 -16.39 1.87
C THR B 20 22.03 -15.49 1.28
N SER B 21 21.99 -15.25 -0.03
CA SER B 21 21.01 -14.33 -0.62
C SER B 21 20.28 -15.07 -1.72
N SER B 22 19.07 -14.62 -1.99
CA SER B 22 18.31 -15.16 -3.08
C SER B 22 17.93 -13.98 -3.97
N ASP B 23 18.34 -14.02 -5.24
CA ASP B 23 17.82 -13.07 -6.22
C ASP B 23 16.36 -13.31 -6.51
N LYS B 24 15.91 -14.54 -6.63
CA LYS B 24 14.52 -14.69 -6.95
C LYS B 24 13.65 -14.12 -5.80
N TRP B 25 13.97 -14.39 -4.53
CA TRP B 25 13.02 -13.92 -3.50
C TRP B 25 13.37 -12.53 -2.95
N GLY B 26 14.56 -12.02 -3.27
CA GLY B 26 14.98 -10.71 -2.77
C GLY B 26 15.26 -10.74 -1.25
N VAL B 27 15.94 -11.81 -0.73
CA VAL B 27 16.11 -11.97 0.70
C VAL B 27 17.58 -12.18 0.94
N THR B 28 18.18 -11.63 2.03
CA THR B 28 19.48 -12.15 2.47
C THR B 28 19.28 -12.65 3.89
N GLN B 29 19.83 -13.83 4.24
CA GLN B 29 19.85 -14.29 5.63
C GLN B 29 21.29 -14.16 6.11
N ASN B 30 21.50 -13.33 7.15
CA ASN B 30 22.82 -13.18 7.76
C ASN B 30 22.69 -13.79 9.17
N ILE B 31 23.20 -15.03 9.33
CA ILE B 31 22.87 -15.79 10.53
C ILE B 31 24.19 -15.84 11.28
N GLN B 32 24.14 -15.64 12.61
CA GLN B 32 25.35 -15.84 13.41
C GLN B 32 25.02 -17.01 14.31
N PHE B 33 25.89 -18.02 14.37
CA PHE B 33 25.74 -19.16 15.25
C PHE B 33 26.80 -19.05 16.37
N ASP B 34 26.35 -19.02 17.64
CA ASP B 34 27.32 -18.97 18.72
C ASP B 34 27.19 -20.29 19.47
N PHE B 35 28.08 -21.24 19.23
CA PHE B 35 28.07 -22.41 20.06
C PHE B 35 28.50 -21.98 21.45
N VAL B 36 27.78 -22.44 22.46
CA VAL B 36 27.96 -21.93 23.80
C VAL B 36 28.62 -23.05 24.61
N LYS B 37 29.78 -22.80 25.19
CA LYS B 37 30.37 -23.91 25.94
C LYS B 37 30.05 -23.71 27.42
N ASP B 38 28.81 -23.97 27.84
CA ASP B 38 28.37 -23.62 29.17
C ASP B 38 28.73 -24.83 30.03
N LYS B 39 29.82 -24.72 30.80
CA LYS B 39 30.27 -25.83 31.64
C LYS B 39 29.19 -26.16 32.70
N LYS B 40 28.21 -25.29 32.95
CA LYS B 40 27.26 -25.65 34.00
C LYS B 40 26.06 -26.43 33.43
N TYR B 41 25.91 -26.43 32.11
CA TYR B 41 24.75 -27.03 31.45
C TYR B 41 25.12 -28.45 31.00
N ASN B 42 24.20 -29.42 31.07
CA ASN B 42 24.54 -30.81 30.73
C ASN B 42 24.11 -31.13 29.29
N LYS B 43 23.84 -30.12 28.43
CA LYS B 43 23.54 -30.41 27.02
C LYS B 43 24.46 -29.55 26.11
N ASP B 44 24.51 -29.81 24.77
CA ASP B 44 25.15 -28.86 23.88
C ASP B 44 24.14 -27.72 23.71
N ALA B 45 24.63 -26.48 23.41
CA ALA B 45 23.79 -25.30 23.30
C ALA B 45 24.29 -24.48 22.14
N LEU B 46 23.36 -23.91 21.38
CA LEU B 46 23.72 -23.00 20.32
C LEU B 46 22.74 -21.82 20.33
N ILE B 47 23.25 -20.58 20.17
CA ILE B 47 22.41 -19.39 20.04
C ILE B 47 22.48 -18.92 18.60
N LEU B 48 21.31 -18.73 17.98
CA LEU B 48 21.26 -18.34 16.59
C LEU B 48 20.73 -16.91 16.60
N LYS B 49 21.52 -16.00 15.99
CA LYS B 49 21.01 -14.67 15.76
C LYS B 49 20.63 -14.57 14.30
N MET B 50 19.33 -14.24 14.10
CA MET B 50 18.83 -14.28 12.75
C MET B 50 18.59 -12.84 12.28
N GLN B 51 19.47 -12.38 11.37
CA GLN B 51 19.41 -11.05 10.81
C GLN B 51 19.46 -11.18 9.29
N GLY B 52 19.60 -10.03 8.62
CA GLY B 52 19.63 -10.03 7.14
C GLY B 52 18.64 -8.97 6.66
N PHE B 53 18.01 -9.18 5.49
CA PHE B 53 17.30 -8.10 4.84
C PHE B 53 16.26 -8.75 3.92
N ILE B 54 15.02 -8.29 3.98
CA ILE B 54 14.02 -8.85 3.10
C ILE B 54 13.46 -7.66 2.34
N ASN B 55 13.75 -7.54 1.05
CA ASN B 55 13.29 -6.46 0.21
C ASN B 55 11.76 -6.44 0.28
N SER B 56 11.13 -5.27 0.29
CA SER B 56 9.66 -5.27 0.36
C SER B 56 9.03 -5.82 -0.91
N LYS B 57 9.72 -5.61 -2.05
CA LYS B 57 9.22 -5.96 -3.39
C LYS B 57 7.90 -5.26 -3.67
N THR B 58 7.71 -4.07 -3.10
CA THR B 58 6.50 -3.33 -3.38
C THR B 58 6.50 -2.94 -4.86
N THR B 59 5.35 -3.11 -5.54
CA THR B 59 5.31 -2.73 -6.94
C THR B 59 3.94 -2.09 -7.26
N TYR B 60 3.87 -1.38 -8.42
CA TYR B 60 2.70 -0.59 -8.81
C TYR B 60 2.41 -0.92 -10.28
N TYR B 61 1.14 -1.19 -10.62
CA TYR B 61 0.85 -1.58 -11.99
C TYR B 61 -0.61 -1.19 -12.27
N ASN B 62 -0.95 -1.17 -13.56
CA ASN B 62 -2.29 -0.82 -14.01
C ASN B 62 -3.11 -2.10 -13.99
N TYR B 63 -4.36 -2.00 -13.55
CA TYR B 63 -5.32 -3.10 -13.71
C TYR B 63 -5.58 -3.33 -15.21
N LYS B 64 -5.64 -4.61 -15.62
CA LYS B 64 -5.89 -5.11 -16.97
C LYS B 64 -7.09 -4.38 -17.61
N ASN B 65 -6.97 -3.81 -18.84
CA ASN B 65 -8.06 -3.37 -19.72
C ASN B 65 -8.84 -2.18 -19.20
N THR B 66 -8.30 -1.39 -18.28
CA THR B 66 -8.95 -0.15 -17.86
C THR B 66 -7.80 0.81 -17.55
N ASP B 67 -8.12 2.10 -17.58
CA ASP B 67 -7.24 3.21 -17.24
C ASP B 67 -7.53 3.78 -15.84
N HIS B 68 -8.59 3.33 -15.14
CA HIS B 68 -9.02 4.00 -13.93
C HIS B 68 -9.00 3.10 -12.68
N ILE B 69 -8.34 1.94 -12.75
CA ILE B 69 -8.06 1.17 -11.55
C ILE B 69 -6.56 0.81 -11.63
N LYS B 70 -5.81 1.14 -10.57
CA LYS B 70 -4.40 0.82 -10.58
C LYS B 70 -4.11 0.14 -9.23
N ALA B 71 -2.91 -0.47 -9.09
CA ALA B 71 -2.68 -1.45 -8.04
C ALA B 71 -1.35 -1.16 -7.36
N MET B 72 -1.30 -1.50 -6.07
CA MET B 72 -0.05 -1.41 -5.36
C MET B 72 0.03 -2.76 -4.62
N ARG B 73 1.10 -3.49 -4.88
CA ARG B 73 1.25 -4.79 -4.24
C ARG B 73 2.37 -4.58 -3.24
N TRP B 74 2.15 -4.92 -1.97
CA TRP B 74 3.00 -4.48 -0.88
C TRP B 74 3.00 -5.51 0.26
N PRO B 75 4.06 -5.55 1.10
CA PRO B 75 4.16 -6.61 2.12
C PRO B 75 3.31 -6.23 3.34
N PHE B 76 2.17 -6.92 3.47
CA PHE B 76 1.36 -6.80 4.67
C PHE B 76 2.08 -7.47 5.82
N GLN B 77 2.79 -8.58 5.57
CA GLN B 77 3.39 -9.17 6.74
C GLN B 77 4.75 -9.70 6.30
N TYR B 78 5.73 -9.71 7.21
CA TYR B 78 6.96 -10.44 6.93
C TYR B 78 6.98 -11.73 7.78
N ASN B 79 7.64 -12.78 7.26
CA ASN B 79 7.60 -14.11 7.88
C ASN B 79 9.02 -14.46 8.36
N ILE B 80 9.18 -14.88 9.61
CA ILE B 80 10.50 -15.32 10.07
C ILE B 80 10.24 -16.66 10.76
N GLY B 81 10.90 -17.73 10.30
CA GLY B 81 10.66 -19.00 10.98
C GLY B 81 11.94 -19.81 11.18
N LEU B 82 11.96 -20.62 12.23
CA LEU B 82 13.07 -21.50 12.51
C LEU B 82 12.47 -22.84 12.85
N LYS B 83 12.97 -23.90 12.22
CA LYS B 83 12.53 -25.24 12.58
C LYS B 83 13.65 -26.30 12.51
N THR B 84 13.52 -27.36 13.32
CA THR B 84 14.32 -28.56 13.10
C THR B 84 13.41 -29.78 13.29
N ASN B 85 13.73 -30.90 12.67
CA ASN B 85 13.00 -32.13 12.94
C ASN B 85 13.81 -33.03 13.89
N ASP B 86 15.00 -32.62 14.33
CA ASP B 86 15.85 -33.52 15.09
C ASP B 86 15.25 -33.75 16.48
N PRO B 87 14.84 -34.99 16.83
CA PRO B 87 14.25 -35.18 18.15
C PRO B 87 15.23 -34.87 19.29
N ASN B 88 16.55 -34.86 19.04
CA ASN B 88 17.48 -34.62 20.14
C ASN B 88 17.71 -33.11 20.34
N VAL B 89 16.91 -32.26 19.65
CA VAL B 89 17.13 -30.82 19.77
C VAL B 89 15.89 -30.23 20.42
N ASP B 90 16.06 -29.27 21.33
CA ASP B 90 14.91 -28.48 21.76
C ASP B 90 15.17 -26.99 21.55
N LEU B 91 14.10 -26.22 21.22
CA LEU B 91 14.16 -24.78 21.32
C LEU B 91 13.97 -24.37 22.80
N ILE B 92 14.95 -23.71 23.46
CA ILE B 92 14.88 -23.50 24.91
C ILE B 92 14.75 -21.99 25.17
N ASN B 93 14.87 -21.16 24.14
CA ASN B 93 14.53 -19.76 24.31
C ASN B 93 14.41 -19.11 22.93
N TYR B 94 13.71 -17.98 22.86
CA TYR B 94 13.59 -17.25 21.60
C TYR B 94 13.18 -15.83 21.99
N LEU B 95 13.55 -14.84 21.19
CA LEU B 95 13.15 -13.45 21.37
C LEU B 95 12.92 -12.84 20.00
N PRO B 96 11.88 -11.94 19.83
CA PRO B 96 10.97 -11.51 20.94
C PRO B 96 9.80 -12.47 21.16
N LYS B 97 9.05 -12.29 22.26
CA LYS B 97 7.95 -13.18 22.65
C LYS B 97 6.75 -12.24 22.62
N ASN B 98 5.53 -12.80 22.66
CA ASN B 98 4.34 -11.94 22.84
C ASN B 98 4.25 -11.48 24.30
N LYS B 99 3.80 -10.23 24.48
CA LYS B 99 3.65 -9.63 25.80
C LYS B 99 2.17 -9.30 26.05
N ILE B 100 1.84 -9.18 27.34
CA ILE B 100 0.51 -8.74 27.76
C ILE B 100 0.41 -7.23 27.48
N ASP B 101 -0.57 -6.89 26.62
CA ASP B 101 -0.98 -5.54 26.20
C ASP B 101 -1.31 -4.68 27.44
N SER B 102 -0.74 -3.47 27.57
CA SER B 102 -0.89 -2.53 28.71
C SER B 102 -1.18 -1.08 28.26
N VAL B 103 -2.01 -0.28 28.96
CA VAL B 103 -2.10 1.15 28.65
C VAL B 103 -2.10 2.02 29.91
N ASN B 104 -1.64 3.28 29.82
CA ASN B 104 -1.80 4.23 30.92
C ASN B 104 -3.16 4.91 30.84
N VAL B 105 -3.86 4.95 31.98
CA VAL B 105 -5.20 5.56 32.01
C VAL B 105 -5.15 6.79 32.93
N SER B 106 -5.91 7.83 32.56
CA SER B 106 -6.13 8.92 33.47
C SER B 106 -7.64 9.21 33.39
N GLN B 107 -8.30 9.18 34.53
CA GLN B 107 -9.74 9.41 34.52
C GLN B 107 -10.07 10.52 35.51
N THR B 108 -10.78 11.54 35.03
CA THR B 108 -11.16 12.71 35.82
C THR B 108 -12.69 12.80 35.91
N LEU B 109 -13.18 13.06 37.12
CA LEU B 109 -14.57 13.42 37.36
C LEU B 109 -14.59 14.72 38.13
N GLY B 110 -15.56 15.57 37.82
CA GLY B 110 -15.49 16.88 38.42
C GLY B 110 -16.84 17.61 38.33
N TYR B 111 -16.95 18.68 39.09
CA TYR B 111 -18.13 19.50 38.95
C TYR B 111 -17.71 20.93 39.18
N ASN B 112 -18.66 21.82 38.92
CA ASN B 112 -18.45 23.25 38.83
C ASN B 112 -19.81 23.90 39.09
N ILE B 113 -20.07 24.20 40.36
CA ILE B 113 -21.31 24.75 40.91
C ILE B 113 -21.12 26.26 41.07
N GLY B 114 -21.78 27.01 40.18
CA GLY B 114 -21.54 28.44 39.99
C GLY B 114 -22.22 29.27 41.06
N ASN B 126 -26.53 27.58 37.97
CA ASN B 126 -25.63 27.17 36.86
C ASN B 126 -24.58 26.21 37.42
N GLY B 127 -24.89 24.90 37.40
CA GLY B 127 -24.01 23.80 37.81
C GLY B 127 -23.66 22.90 36.63
N SER B 128 -22.91 21.81 36.88
CA SER B 128 -22.32 21.04 35.80
C SER B 128 -21.41 19.92 36.33
N PHE B 129 -21.50 18.73 35.71
CA PHE B 129 -20.66 17.58 35.99
C PHE B 129 -19.90 17.23 34.72
N ASN B 130 -18.62 16.90 34.89
CA ASN B 130 -17.75 16.58 33.77
C ASN B 130 -17.02 15.26 34.05
N TYR B 131 -16.78 14.53 32.96
CA TYR B 131 -16.09 13.28 33.03
C TYR B 131 -15.10 13.37 31.88
N SER B 132 -13.92 12.78 32.08
CA SER B 132 -12.93 12.73 31.04
C SER B 132 -12.07 11.48 31.25
N LYS B 133 -11.73 10.80 30.16
CA LYS B 133 -10.87 9.64 30.35
C LYS B 133 -9.89 9.56 29.19
N THR B 134 -8.59 9.41 29.51
CA THR B 134 -7.55 9.41 28.48
C THR B 134 -6.82 8.06 28.53
N ILE B 135 -6.63 7.39 27.39
CA ILE B 135 -5.73 6.24 27.37
C ILE B 135 -4.50 6.63 26.56
N SER B 136 -3.36 6.18 27.01
CA SER B 136 -2.18 6.50 26.25
C SER B 136 -1.26 5.28 26.17
N TYR B 137 -0.66 5.09 24.99
CA TYR B 137 0.16 3.94 24.67
C TYR B 137 1.00 4.22 23.39
N ASN B 138 2.00 3.38 23.16
CA ASN B 138 2.93 3.46 22.07
C ASN B 138 2.47 2.53 20.96
N GLN B 139 2.75 2.90 19.70
CA GLN B 139 2.49 1.95 18.64
C GLN B 139 3.70 1.91 17.70
N GLN B 140 3.74 0.86 16.87
CA GLN B 140 4.77 0.76 15.85
C GLN B 140 4.12 0.46 14.50
N ASN B 141 4.80 0.76 13.39
CA ASN B 141 4.28 0.50 12.06
C ASN B 141 3.89 -0.97 11.92
N TYR B 142 4.79 -1.87 12.32
CA TYR B 142 4.60 -3.31 12.20
C TYR B 142 4.69 -3.92 13.60
N ILE B 143 3.78 -4.82 13.93
CA ILE B 143 3.85 -5.55 15.21
C ILE B 143 4.33 -6.98 14.93
N SER B 144 5.21 -7.48 15.80
CA SER B 144 5.73 -8.84 15.76
C SER B 144 4.95 -9.74 16.71
N GLU B 145 4.37 -10.84 16.22
CA GLU B 145 3.66 -11.74 17.10
C GLU B 145 4.17 -13.13 16.85
N VAL B 146 4.22 -13.95 17.89
CA VAL B 146 4.53 -15.37 17.72
C VAL B 146 3.31 -16.07 17.15
N GLU B 147 3.40 -16.60 15.93
CA GLU B 147 2.26 -17.28 15.36
C GLU B 147 2.17 -18.70 15.82
N ARG B 148 3.30 -19.35 16.06
CA ARG B 148 3.28 -20.70 16.58
C ARG B 148 4.65 -21.01 17.13
N GLN B 149 4.69 -21.84 18.20
CA GLN B 149 6.01 -22.16 18.79
C GLN B 149 5.84 -23.46 19.54
N ASN B 150 6.78 -24.40 19.37
CA ASN B 150 6.78 -25.61 20.18
C ASN B 150 8.27 -25.94 20.41
N SER B 151 8.57 -27.16 20.83
CA SER B 151 9.95 -27.39 21.25
C SER B 151 10.90 -27.57 20.06
N LYS B 152 10.39 -27.53 18.80
CA LYS B 152 11.23 -27.73 17.62
C LYS B 152 11.18 -26.55 16.63
N SER B 153 10.32 -25.55 16.87
CA SER B 153 10.15 -24.49 15.88
C SER B 153 9.49 -23.25 16.46
N VAL B 154 9.68 -22.08 15.82
CA VAL B 154 8.99 -20.87 16.24
C VAL B 154 8.83 -20.07 14.96
N GLN B 155 7.65 -19.49 14.81
CA GLN B 155 7.37 -18.72 13.63
C GLN B 155 6.84 -17.36 14.10
N TRP B 156 7.42 -16.28 13.56
CA TRP B 156 6.91 -14.97 13.87
C TRP B 156 6.23 -14.42 12.63
N GLY B 157 5.18 -13.59 12.81
CA GLY B 157 4.61 -12.79 11.72
C GLY B 157 4.77 -11.31 12.12
N ILE B 158 5.34 -10.48 11.20
CA ILE B 158 5.62 -9.08 11.49
C ILE B 158 4.65 -8.31 10.60
N LYS B 159 3.58 -7.76 11.17
CA LYS B 159 2.40 -7.43 10.35
C LYS B 159 2.10 -5.95 10.36
N ALA B 160 1.56 -5.39 9.26
CA ALA B 160 1.24 -3.96 9.15
C ALA B 160 0.28 -3.64 10.28
N ASN B 161 0.50 -2.56 11.03
CA ASN B 161 -0.28 -2.31 12.24
C ASN B 161 -0.86 -0.90 12.22
N SER B 162 0.01 0.13 12.18
CA SER B 162 -0.43 1.52 12.43
C SER B 162 0.51 2.53 11.77
N PHE B 163 -0.06 3.51 11.02
CA PHE B 163 0.74 4.35 10.14
C PHE B 163 0.30 5.79 10.34
N ILE B 164 1.23 6.73 10.48
CA ILE B 164 0.83 8.12 10.60
C ILE B 164 0.51 8.63 9.22
N THR B 165 -0.62 9.32 9.10
CA THR B 165 -1.02 10.02 7.90
C THR B 165 -1.39 11.44 8.37
N SER B 166 -1.82 12.27 7.42
CA SER B 166 -1.92 13.71 7.65
C SER B 166 -2.98 14.01 8.73
N LEU B 167 -4.13 13.33 8.64
CA LEU B 167 -5.22 13.54 9.57
C LEU B 167 -5.32 12.37 10.56
N GLY B 168 -4.21 11.92 11.17
CA GLY B 168 -4.34 10.90 12.19
C GLY B 168 -3.54 9.65 11.84
N LYS B 169 -4.04 8.49 12.19
CA LYS B 169 -3.24 7.33 11.94
C LYS B 169 -4.21 6.42 11.23
N MET B 170 -3.66 5.46 10.49
CA MET B 170 -4.55 4.48 9.86
C MET B 170 -4.01 3.10 10.19
N SER B 171 -4.93 2.15 10.20
CA SER B 171 -4.60 0.79 10.54
C SER B 171 -4.05 0.02 9.32
N GLY B 172 -3.35 -1.09 9.62
CA GLY B 172 -2.78 -1.90 8.55
C GLY B 172 -3.89 -2.64 7.81
N HIS B 173 -5.13 -2.61 8.33
CA HIS B 173 -6.27 -3.25 7.68
C HIS B 173 -7.15 -2.23 6.98
N ASP B 174 -6.89 -0.92 7.04
CA ASP B 174 -7.81 0.03 6.40
C ASP B 174 -7.72 -0.08 4.88
N PRO B 175 -8.83 -0.27 4.13
CA PRO B 175 -8.75 -0.45 2.67
C PRO B 175 -8.23 0.77 1.91
N ASN B 176 -8.31 1.97 2.50
CA ASN B 176 -7.75 3.16 1.87
C ASN B 176 -6.28 3.41 2.27
N LEU B 177 -5.68 2.51 3.06
CA LEU B 177 -4.27 2.76 3.40
C LEU B 177 -3.41 2.89 2.12
N PHE B 178 -2.54 3.94 2.06
CA PHE B 178 -1.62 4.22 0.95
C PHE B 178 -2.33 4.79 -0.30
N VAL B 179 -3.65 4.97 -0.31
CA VAL B 179 -4.28 5.43 -1.54
C VAL B 179 -3.94 6.92 -1.69
N GLY B 180 -3.67 7.37 -2.95
CA GLY B 180 -2.98 8.63 -3.18
C GLY B 180 -3.99 9.65 -3.74
N TYR B 181 -3.45 10.56 -4.58
CA TYR B 181 -4.03 11.87 -4.74
C TYR B 181 -4.30 12.22 -6.19
N LYS B 182 -3.93 11.38 -7.17
CA LYS B 182 -3.94 11.86 -8.55
C LYS B 182 -4.76 10.94 -9.45
N PRO B 183 -6.10 11.13 -9.40
CA PRO B 183 -7.04 10.21 -10.04
C PRO B 183 -7.02 10.20 -11.56
N TYR B 184 -6.45 11.23 -12.21
CA TYR B 184 -6.33 11.14 -13.67
C TYR B 184 -4.91 10.81 -14.11
N SER B 185 -4.00 10.49 -13.19
CA SER B 185 -2.68 10.17 -13.71
C SER B 185 -2.75 8.88 -14.51
N GLN B 186 -1.90 8.75 -15.52
CA GLN B 186 -1.75 7.47 -16.20
C GLN B 186 -0.72 6.60 -15.49
N ASN B 187 0.10 7.16 -14.61
CA ASN B 187 1.17 6.39 -13.99
C ASN B 187 0.61 5.63 -12.75
N PRO B 188 0.69 4.27 -12.66
CA PRO B 188 0.13 3.57 -11.50
C PRO B 188 0.73 4.02 -10.16
N ARG B 189 2.01 4.38 -10.20
CA ARG B 189 2.63 4.91 -9.01
C ARG B 189 1.83 6.09 -8.44
N ASP B 190 1.24 6.94 -9.29
CA ASP B 190 0.62 8.16 -8.83
C ASP B 190 -0.74 7.91 -8.18
N TYR B 191 -1.26 6.70 -8.22
CA TYR B 191 -2.51 6.46 -7.51
C TYR B 191 -2.28 6.17 -6.02
N PHE B 192 -1.01 6.17 -5.60
CA PHE B 192 -0.67 5.81 -4.21
C PHE B 192 0.18 6.92 -3.57
N VAL B 193 0.20 7.00 -2.24
CA VAL B 193 0.88 8.13 -1.60
C VAL B 193 2.38 8.02 -1.93
N PRO B 194 3.13 9.14 -1.96
CA PRO B 194 4.53 9.08 -2.39
C PRO B 194 5.40 8.42 -1.34
N ASP B 195 6.65 8.13 -1.70
CA ASP B 195 7.62 7.39 -0.89
C ASP B 195 7.87 8.01 0.50
N ASN B 196 7.93 9.35 0.60
CA ASN B 196 8.15 9.96 1.91
C ASN B 196 6.93 9.84 2.82
N GLU B 197 5.77 9.38 2.31
CA GLU B 197 4.66 9.06 3.20
C GLU B 197 4.51 7.55 3.45
N LEU B 198 5.41 6.74 2.88
CA LEU B 198 5.38 5.31 3.09
C LEU B 198 6.33 5.02 4.25
N PRO B 199 6.06 3.98 5.05
CA PRO B 199 7.04 3.59 6.07
C PRO B 199 8.20 2.84 5.39
N PRO B 200 9.40 2.83 6.02
CA PRO B 200 10.52 2.06 5.45
C PRO B 200 10.23 0.55 5.23
N LEU B 201 9.41 -0.11 6.08
CA LEU B 201 9.14 -1.53 5.81
C LEU B 201 8.24 -1.75 4.57
N VAL B 202 7.62 -0.69 3.99
CA VAL B 202 6.89 -0.91 2.73
C VAL B 202 7.77 -0.44 1.58
N HIS B 203 8.43 0.72 1.71
CA HIS B 203 9.14 1.19 0.54
C HIS B 203 10.50 0.53 0.37
N SER B 204 11.17 0.06 1.44
CA SER B 204 12.51 -0.53 1.23
C SER B 204 12.48 -2.02 1.64
N GLY B 205 12.13 -2.32 2.89
CA GLY B 205 12.04 -3.74 3.27
C GLY B 205 12.22 -3.89 4.77
N PHE B 206 12.55 -5.10 5.27
CA PHE B 206 12.59 -5.30 6.72
C PHE B 206 13.99 -5.85 7.05
N ASN B 207 14.63 -5.42 8.16
CA ASN B 207 15.89 -6.00 8.71
C ASN B 207 15.54 -6.76 10.01
N PRO B 208 15.32 -8.07 9.90
CA PRO B 208 14.81 -8.85 11.02
C PRO B 208 15.97 -8.89 12.01
N SER B 209 15.60 -9.02 13.26
CA SER B 209 16.57 -9.37 14.26
C SER B 209 15.89 -10.28 15.28
N PHE B 210 16.10 -11.58 15.20
CA PHE B 210 15.40 -12.53 16.03
C PHE B 210 16.50 -13.41 16.65
N ILE B 211 16.21 -14.02 17.83
CA ILE B 211 17.23 -14.85 18.42
C ILE B 211 16.53 -16.09 18.95
N ALA B 212 17.21 -17.23 18.86
CA ALA B 212 16.68 -18.48 19.39
C ALA B 212 17.86 -19.16 20.06
N THR B 213 17.59 -19.90 21.15
CA THR B 213 18.60 -20.76 21.76
C THR B 213 18.10 -22.19 21.64
N VAL B 214 18.99 -23.15 21.27
CA VAL B 214 18.56 -24.52 21.06
C VAL B 214 19.53 -25.43 21.83
N SER B 215 19.05 -26.57 22.34
CA SER B 215 19.98 -27.48 22.98
C SER B 215 20.07 -28.71 22.10
N HIS B 216 21.07 -29.55 22.40
CA HIS B 216 21.14 -30.80 21.70
C HIS B 216 21.69 -31.84 22.67
N GLU B 217 21.12 -33.05 22.64
CA GLU B 217 21.53 -34.09 23.59
C GLU B 217 22.96 -34.53 23.26
N LYS B 218 23.81 -34.49 24.27
CA LYS B 218 25.25 -34.54 24.06
C LYS B 218 25.69 -35.90 23.57
N GLY B 219 26.81 -35.84 22.83
CA GLY B 219 27.46 -36.99 22.19
C GLY B 219 26.52 -37.94 21.47
N SER B 220 25.35 -37.47 21.00
CA SER B 220 24.49 -38.13 20.02
C SER B 220 24.55 -37.45 18.65
N GLY B 221 25.17 -38.14 17.68
CA GLY B 221 25.01 -37.75 16.28
C GLY B 221 26.28 -37.19 15.69
N ASP B 222 26.12 -36.53 14.56
CA ASP B 222 27.11 -35.52 14.26
C ASP B 222 26.32 -34.23 14.11
N THR B 223 25.27 -34.28 13.27
CA THR B 223 24.77 -32.98 12.82
C THR B 223 23.26 -32.95 13.01
N SER B 224 22.68 -31.76 13.06
CA SER B 224 21.26 -31.55 13.02
C SER B 224 21.02 -30.56 11.92
N GLU B 225 19.87 -30.70 11.32
CA GLU B 225 19.48 -29.79 10.26
C GLU B 225 18.50 -28.75 10.81
N PHE B 226 18.76 -27.49 10.52
CA PHE B 226 17.79 -26.44 10.84
C PHE B 226 17.38 -25.76 9.55
N GLU B 227 16.09 -25.39 9.49
CA GLU B 227 15.67 -24.64 8.32
C GLU B 227 15.23 -23.25 8.80
N ILE B 228 15.70 -22.19 8.13
CA ILE B 228 15.34 -20.84 8.49
C ILE B 228 14.66 -20.26 7.27
N THR B 229 13.46 -19.70 7.51
CA THR B 229 12.61 -19.22 6.43
C THR B 229 12.42 -17.72 6.67
N TYR B 230 12.66 -16.91 5.62
CA TYR B 230 12.34 -15.50 5.71
C TYR B 230 11.52 -15.20 4.48
N GLY B 231 10.55 -14.28 4.64
CA GLY B 231 9.81 -14.00 3.42
C GLY B 231 8.67 -13.00 3.67
N ARG B 232 7.64 -12.99 2.79
CA ARG B 232 6.64 -11.94 2.90
C ARG B 232 5.27 -12.50 2.52
N ASN B 233 4.19 -11.86 3.03
CA ASN B 233 2.86 -12.08 2.47
C ASN B 233 2.43 -10.72 1.92
N MET B 234 2.02 -10.69 0.64
CA MET B 234 1.78 -9.44 -0.06
C MET B 234 0.26 -9.26 -0.09
N ASP B 235 -0.20 -8.01 0.16
CA ASP B 235 -1.57 -7.65 -0.16
C ASP B 235 -1.56 -6.88 -1.48
N VAL B 236 -2.74 -6.69 -2.11
CA VAL B 236 -2.81 -5.78 -3.25
C VAL B 236 -3.86 -4.76 -2.81
N THR B 237 -3.53 -3.45 -2.94
CA THR B 237 -4.57 -2.43 -2.82
C THR B 237 -4.89 -1.93 -4.24
N HIS B 238 -6.18 -1.89 -4.51
CA HIS B 238 -6.68 -1.35 -5.78
C HIS B 238 -7.17 0.07 -5.47
N ALA B 239 -6.65 1.05 -6.21
CA ALA B 239 -7.18 2.41 -6.13
C ALA B 239 -8.03 2.60 -7.40
N THR B 240 -9.29 2.96 -7.19
CA THR B 240 -10.31 3.07 -8.22
C THR B 240 -10.80 4.52 -8.25
N ARG B 241 -10.77 5.11 -9.44
CA ARG B 241 -11.28 6.47 -9.60
C ARG B 241 -12.79 6.42 -9.45
N ARG B 242 -13.32 7.24 -8.55
CA ARG B 242 -14.75 7.44 -8.42
C ARG B 242 -15.07 8.92 -8.60
N THR B 243 -16.31 9.21 -8.98
CA THR B 243 -16.71 10.58 -9.30
C THR B 243 -18.05 10.89 -8.65
N THR B 244 -18.10 11.93 -7.81
CA THR B 244 -19.35 12.52 -7.32
C THR B 244 -20.31 12.84 -8.48
N HIS B 245 -21.62 12.89 -8.15
CA HIS B 245 -22.66 13.30 -9.10
C HIS B 245 -22.31 14.66 -9.73
N TYR B 246 -21.67 15.55 -8.95
CA TYR B 246 -21.38 16.92 -9.36
C TYR B 246 -19.97 17.05 -9.94
N GLY B 247 -19.34 15.90 -10.30
CA GLY B 247 -18.19 15.88 -11.18
C GLY B 247 -16.82 15.76 -10.50
N ASN B 248 -16.79 15.63 -9.16
CA ASN B 248 -15.51 15.56 -8.44
C ASN B 248 -14.93 14.14 -8.44
N SER B 249 -13.64 14.03 -8.78
CA SER B 249 -13.01 12.72 -8.85
C SER B 249 -11.99 12.50 -7.73
N TYR B 250 -11.99 11.30 -7.14
CA TYR B 250 -10.98 10.95 -6.15
C TYR B 250 -10.75 9.43 -6.25
N LEU B 251 -9.75 8.93 -5.49
CA LEU B 251 -9.43 7.50 -5.50
C LEU B 251 -10.00 6.83 -4.25
N GLU B 252 -10.56 5.62 -4.40
CA GLU B 252 -11.00 4.78 -3.29
C GLU B 252 -10.25 3.45 -3.29
N GLY B 253 -9.90 2.97 -2.11
CA GLY B 253 -9.04 1.81 -2.02
C GLY B 253 -9.93 0.59 -1.82
N SER B 254 -9.56 -0.56 -2.39
CA SER B 254 -10.03 -1.83 -1.86
C SER B 254 -8.83 -2.80 -1.74
N ARG B 255 -8.96 -3.90 -0.99
CA ARG B 255 -7.79 -4.73 -0.71
C ARG B 255 -8.06 -6.16 -1.19
N ILE B 256 -7.10 -6.78 -1.88
CA ILE B 256 -7.02 -8.24 -1.76
C ILE B 256 -6.08 -8.48 -0.60
N HIS B 257 -6.62 -8.91 0.52
CA HIS B 257 -5.85 -9.31 1.67
C HIS B 257 -5.23 -10.71 1.47
N ASN B 258 -3.95 -10.95 1.82
CA ASN B 258 -3.34 -12.25 1.58
C ASN B 258 -3.41 -12.63 0.09
N ALA B 259 -3.01 -11.73 -0.78
CA ALA B 259 -3.06 -12.04 -2.22
C ALA B 259 -1.91 -13.00 -2.60
N PHE B 260 -0.69 -12.82 -2.01
CA PHE B 260 0.45 -13.65 -2.41
C PHE B 260 1.19 -14.05 -1.12
N VAL B 261 0.95 -15.28 -0.60
CA VAL B 261 1.20 -15.63 0.77
C VAL B 261 2.42 -16.54 0.83
N ASN B 262 3.29 -16.35 1.82
CA ASN B 262 4.43 -17.28 1.91
C ASN B 262 5.31 -17.16 0.69
N ARG B 263 5.69 -15.92 0.33
CA ARG B 263 6.71 -15.75 -0.69
C ARG B 263 8.04 -15.79 0.05
N ASN B 264 8.58 -17.00 0.28
CA ASN B 264 9.51 -17.22 1.37
C ASN B 264 10.79 -17.84 0.82
N TYR B 265 11.92 -17.48 1.44
CA TYR B 265 13.21 -18.08 1.08
C TYR B 265 13.66 -18.97 2.26
N THR B 266 13.73 -20.29 2.09
CA THR B 266 14.11 -21.17 3.17
C THR B 266 15.54 -21.68 2.93
N VAL B 267 16.42 -21.64 3.90
CA VAL B 267 17.79 -22.18 3.74
C VAL B 267 17.92 -23.28 4.78
N LYS B 268 18.64 -24.37 4.43
CA LYS B 268 18.99 -25.42 5.37
C LYS B 268 20.45 -25.34 5.77
N TYR B 269 20.64 -25.45 7.09
CA TYR B 269 21.92 -25.43 7.71
C TYR B 269 22.15 -26.73 8.47
N GLU B 270 23.34 -27.30 8.31
CA GLU B 270 23.65 -28.53 9.04
C GLU B 270 24.66 -28.12 10.10
N VAL B 271 24.30 -28.31 11.35
CA VAL B 271 25.11 -27.87 12.50
C VAL B 271 25.90 -29.10 13.01
N ASN B 272 27.21 -29.00 13.02
CA ASN B 272 28.02 -30.08 13.60
C ASN B 272 28.39 -29.65 15.01
N TRP B 273 27.79 -30.31 15.99
CA TRP B 273 27.86 -29.88 17.39
C TRP B 273 29.29 -30.08 17.92
N LYS B 274 29.99 -31.10 17.48
CA LYS B 274 31.32 -31.38 18.03
C LYS B 274 32.38 -30.49 17.38
N THR B 275 32.35 -30.29 16.07
CA THR B 275 33.42 -29.54 15.48
C THR B 275 33.02 -28.06 15.37
N HIS B 276 31.82 -27.64 15.79
CA HIS B 276 31.39 -26.26 15.64
C HIS B 276 31.52 -25.81 14.20
N GLU B 277 31.00 -26.60 13.25
CA GLU B 277 30.94 -26.15 11.87
C GLU B 277 29.49 -26.01 11.43
N ILE B 278 29.28 -25.23 10.39
CA ILE B 278 27.98 -25.11 9.75
C ILE B 278 28.19 -25.44 8.29
N LYS B 279 27.29 -26.20 7.69
CA LYS B 279 27.27 -26.35 6.23
C LYS B 279 25.93 -25.75 5.77
N VAL B 280 25.99 -24.84 4.76
CA VAL B 280 24.76 -24.33 4.17
C VAL B 280 24.38 -25.27 3.04
N LYS B 281 23.35 -26.06 3.17
CA LYS B 281 23.07 -27.07 2.16
C LYS B 281 22.13 -26.43 1.17
N GLY B 282 20.91 -26.96 1.11
CA GLY B 282 19.85 -26.40 0.24
C GLY B 282 19.33 -24.99 0.62
N HIS B 283 18.61 -24.42 -0.36
CA HIS B 283 17.82 -23.18 -0.30
C HIS B 283 16.75 -23.33 -1.39
N ASN B 284 15.55 -22.76 -1.23
CA ASN B 284 14.53 -22.92 -2.27
C ASN B 284 14.68 -21.75 -3.26
N GLY C 10 -64.86 13.61 -23.74
CA GLY C 10 -64.02 13.60 -24.96
C GLY C 10 -62.53 13.34 -24.65
N ALA C 11 -62.23 12.22 -24.00
CA ALA C 11 -60.84 11.82 -23.72
C ALA C 11 -60.39 10.77 -24.73
N GLU C 12 -59.11 10.82 -25.14
CA GLU C 12 -58.60 9.83 -26.09
C GLU C 12 -57.17 9.40 -25.73
N VAL C 13 -56.80 8.19 -26.16
CA VAL C 13 -55.42 7.79 -25.98
C VAL C 13 -54.84 7.56 -27.36
N VAL C 14 -53.61 8.01 -27.55
CA VAL C 14 -52.90 7.73 -28.79
C VAL C 14 -51.67 6.92 -28.38
N LYS C 15 -51.68 5.63 -28.74
CA LYS C 15 -50.66 4.67 -28.36
C LYS C 15 -49.52 4.76 -29.38
N ARG C 16 -48.29 5.01 -28.94
CA ARG C 16 -47.17 4.89 -29.86
C ARG C 16 -46.04 4.03 -29.25
N THR C 17 -45.03 3.68 -30.07
CA THR C 17 -43.99 2.68 -29.77
C THR C 17 -42.64 3.09 -30.35
N GLU C 18 -41.57 2.79 -29.59
CA GLU C 18 -40.21 2.82 -30.12
C GLU C 18 -39.43 1.61 -29.60
N ASP C 19 -38.60 1.04 -30.48
CA ASP C 19 -37.73 -0.09 -30.18
C ASP C 19 -36.37 0.25 -30.73
N THR C 20 -35.41 0.43 -29.82
CA THR C 20 -34.07 0.86 -30.16
C THR C 20 -33.10 -0.09 -29.44
N SER C 21 -32.08 -0.59 -30.16
CA SER C 21 -31.10 -1.52 -29.61
C SER C 21 -29.68 -1.00 -29.78
N SER C 22 -28.80 -1.31 -28.81
CA SER C 22 -27.36 -1.04 -28.91
C SER C 22 -26.56 -2.34 -28.78
N ASP C 23 -25.68 -2.61 -29.79
CA ASP C 23 -24.72 -3.71 -29.75
C ASP C 23 -23.60 -3.40 -28.77
N LYS C 24 -23.01 -2.21 -28.86
CA LYS C 24 -22.06 -1.74 -27.86
C LYS C 24 -22.57 -2.06 -26.45
N TRP C 25 -23.79 -1.58 -26.09
CA TRP C 25 -24.23 -1.64 -24.70
C TRP C 25 -24.96 -2.96 -24.33
N GLY C 26 -25.38 -3.75 -25.33
CA GLY C 26 -26.11 -4.97 -25.03
C GLY C 26 -27.43 -4.58 -24.34
N VAL C 27 -28.14 -3.58 -24.91
CA VAL C 27 -29.36 -3.05 -24.34
C VAL C 27 -30.37 -2.84 -25.47
N THR C 28 -31.63 -3.22 -25.21
CA THR C 28 -32.82 -2.84 -25.95
C THR C 28 -33.78 -2.07 -25.05
N GLN C 29 -34.18 -0.86 -25.49
CA GLN C 29 -35.28 -0.08 -24.92
C GLN C 29 -36.51 -0.28 -25.80
N ASN C 30 -37.52 -0.93 -25.23
CA ASN C 30 -38.82 -1.12 -25.87
C ASN C 30 -39.81 -0.22 -25.13
N ILE C 31 -40.20 0.91 -25.75
CA ILE C 31 -40.86 1.96 -24.97
C ILE C 31 -42.26 2.18 -25.53
N GLN C 32 -43.28 2.16 -24.65
CA GLN C 32 -44.62 2.58 -25.03
C GLN C 32 -44.92 3.98 -24.49
N PHE C 33 -45.48 4.81 -25.36
CA PHE C 33 -45.83 6.19 -25.05
C PHE C 33 -47.30 6.40 -25.29
N ASP C 34 -48.09 6.47 -24.22
CA ASP C 34 -49.54 6.62 -24.27
C ASP C 34 -49.95 8.05 -23.91
N PHE C 35 -50.10 8.88 -24.96
CA PHE C 35 -50.70 10.20 -24.85
C PHE C 35 -52.19 10.11 -24.46
N VAL C 36 -52.55 10.83 -23.38
CA VAL C 36 -53.94 11.00 -22.95
C VAL C 36 -54.35 12.44 -23.22
N LYS C 37 -55.13 12.61 -24.30
CA LYS C 37 -55.58 13.95 -24.67
C LYS C 37 -57.05 14.13 -24.33
N ASP C 38 -57.39 15.36 -23.91
CA ASP C 38 -58.75 15.72 -23.57
C ASP C 38 -58.89 17.24 -23.69
N LYS C 39 -59.84 17.66 -24.53
CA LYS C 39 -59.92 19.05 -24.97
C LYS C 39 -60.21 19.98 -23.78
N LYS C 40 -60.82 19.43 -22.71
CA LYS C 40 -61.23 20.15 -21.50
C LYS C 40 -60.04 20.69 -20.71
N TYR C 41 -58.92 19.95 -20.69
CA TYR C 41 -57.84 20.26 -19.76
C TYR C 41 -56.81 21.15 -20.42
N ASN C 42 -56.09 21.91 -19.57
CA ASN C 42 -55.00 22.78 -19.96
C ASN C 42 -53.66 22.02 -19.98
N LYS C 43 -53.64 20.72 -19.65
CA LYS C 43 -52.39 19.95 -19.66
C LYS C 43 -52.59 18.69 -20.50
N ASP C 44 -51.61 18.40 -21.35
CA ASP C 44 -51.58 17.07 -21.94
C ASP C 44 -50.83 16.16 -20.98
N ALA C 45 -51.10 14.84 -21.08
CA ALA C 45 -50.42 13.84 -20.28
C ALA C 45 -49.86 12.70 -21.13
N LEU C 46 -48.78 12.11 -20.64
CA LEU C 46 -48.09 11.04 -21.36
C LEU C 46 -47.76 9.94 -20.35
N ILE C 47 -48.17 8.70 -20.65
CA ILE C 47 -47.81 7.57 -19.82
C ILE C 47 -46.72 6.78 -20.53
N LEU C 48 -45.55 6.66 -19.89
CA LEU C 48 -44.40 5.93 -20.43
C LEU C 48 -44.31 4.56 -19.78
N LYS C 49 -44.44 3.51 -20.61
CA LYS C 49 -44.10 2.17 -20.14
C LYS C 49 -42.74 1.76 -20.73
N MET C 50 -41.75 1.57 -19.85
CA MET C 50 -40.38 1.33 -20.30
C MET C 50 -40.01 -0.15 -20.13
N GLN C 51 -39.92 -0.84 -21.28
CA GLN C 51 -39.56 -2.26 -21.26
C GLN C 51 -38.30 -2.49 -22.07
N GLY C 52 -37.95 -3.77 -22.32
CA GLY C 52 -36.80 -4.06 -23.15
C GLY C 52 -35.89 -5.03 -22.39
N PHE C 53 -34.57 -4.90 -22.54
CA PHE C 53 -33.68 -5.91 -21.91
C PHE C 53 -32.33 -5.27 -21.70
N ILE C 54 -31.67 -5.55 -20.54
CA ILE C 54 -30.28 -5.18 -20.33
C ILE C 54 -29.45 -6.44 -20.03
N ASN C 55 -28.54 -6.79 -20.95
CA ASN C 55 -27.62 -7.90 -20.82
C ASN C 55 -26.75 -7.72 -19.55
N SER C 56 -26.65 -8.76 -18.72
CA SER C 56 -25.81 -8.67 -17.53
C SER C 56 -24.36 -8.33 -17.92
N LYS C 57 -23.88 -8.88 -19.04
CA LYS C 57 -22.49 -8.69 -19.47
C LYS C 57 -21.50 -9.30 -18.45
N THR C 58 -21.93 -10.31 -17.69
CA THR C 58 -21.11 -10.86 -16.63
C THR C 58 -19.92 -11.57 -17.30
N THR C 59 -18.68 -11.36 -16.86
CA THR C 59 -17.57 -12.01 -17.54
C THR C 59 -16.55 -12.49 -16.48
N TYR C 60 -15.63 -13.37 -16.90
CA TYR C 60 -14.71 -14.03 -15.99
C TYR C 60 -13.34 -13.94 -16.64
N TYR C 61 -12.26 -13.62 -15.93
CA TYR C 61 -10.94 -13.53 -16.54
C TYR C 61 -9.89 -13.77 -15.45
N ASN C 62 -8.66 -14.12 -15.86
CA ASN C 62 -7.57 -14.29 -14.90
C ASN C 62 -7.05 -12.92 -14.49
N TYR C 63 -6.59 -12.81 -13.24
CA TYR C 63 -5.88 -11.61 -12.86
C TYR C 63 -4.52 -11.70 -13.55
N LYS C 64 -3.97 -10.58 -14.01
CA LYS C 64 -2.69 -10.55 -14.72
C LYS C 64 -1.52 -11.10 -13.88
N ASN C 65 -0.65 -11.86 -14.56
CA ASN C 65 0.63 -12.38 -14.10
C ASN C 65 0.52 -13.28 -12.88
N THR C 66 -0.63 -13.90 -12.63
CA THR C 66 -0.70 -14.94 -11.59
C THR C 66 -1.68 -16.01 -12.06
N ASP C 67 -1.57 -17.19 -11.50
CA ASP C 67 -2.50 -18.27 -11.83
C ASP C 67 -3.48 -18.53 -10.68
N HIS C 68 -3.37 -17.81 -9.53
CA HIS C 68 -4.18 -18.16 -8.34
C HIS C 68 -5.13 -17.02 -7.90
N ILE C 69 -5.33 -16.01 -8.77
CA ILE C 69 -6.33 -14.98 -8.54
C ILE C 69 -7.12 -14.81 -9.85
N LYS C 70 -8.46 -14.86 -9.76
CA LYS C 70 -9.28 -14.80 -10.98
C LYS C 70 -10.52 -13.98 -10.65
N ALA C 71 -11.21 -13.47 -11.67
CA ALA C 71 -12.11 -12.34 -11.42
C ALA C 71 -13.42 -12.63 -12.13
N MET C 72 -14.51 -12.12 -11.53
CA MET C 72 -15.85 -12.10 -12.07
C MET C 72 -16.33 -10.63 -12.08
N ARG C 73 -16.61 -10.13 -13.28
CA ARG C 73 -17.10 -8.77 -13.42
C ARG C 73 -18.60 -8.85 -13.69
N TRP C 74 -19.46 -8.27 -12.82
CA TRP C 74 -20.91 -8.61 -12.80
C TRP C 74 -21.73 -7.38 -12.41
N PRO C 75 -23.02 -7.29 -12.84
CA PRO C 75 -23.84 -6.10 -12.56
C PRO C 75 -24.32 -6.02 -11.12
N PHE C 76 -23.65 -5.22 -10.30
CA PHE C 76 -24.14 -5.03 -8.95
C PHE C 76 -25.48 -4.24 -8.99
N GLN C 77 -25.66 -3.39 -9.99
CA GLN C 77 -26.86 -2.57 -10.01
C GLN C 77 -27.29 -2.39 -11.45
N TYR C 78 -28.59 -2.58 -11.72
CA TYR C 78 -29.19 -2.08 -12.97
C TYR C 78 -29.76 -0.66 -12.79
N ASN C 79 -29.54 0.19 -13.79
CA ASN C 79 -29.92 1.60 -13.76
C ASN C 79 -31.08 1.80 -14.74
N ILE C 80 -32.16 2.44 -14.27
CA ILE C 80 -33.28 2.83 -15.12
C ILE C 80 -33.61 4.27 -14.76
N GLY C 81 -33.55 5.14 -15.78
CA GLY C 81 -33.63 6.58 -15.57
C GLY C 81 -34.48 7.27 -16.64
N LEU C 82 -35.22 8.31 -16.24
CA LEU C 82 -36.02 9.12 -17.15
C LEU C 82 -35.91 10.60 -16.73
N LYS C 83 -35.54 11.45 -17.69
CA LYS C 83 -35.23 12.84 -17.44
C LYS C 83 -35.79 13.73 -18.56
N THR C 84 -36.25 14.94 -18.20
CA THR C 84 -36.64 15.97 -19.16
C THR C 84 -35.96 17.28 -18.78
N ASN C 85 -35.57 18.04 -19.79
CA ASN C 85 -35.12 19.41 -19.57
C ASN C 85 -36.23 20.41 -19.94
N ASP C 86 -37.47 19.91 -20.12
CA ASP C 86 -38.60 20.79 -20.42
C ASP C 86 -39.16 21.38 -19.12
N PRO C 87 -39.05 22.73 -18.92
CA PRO C 87 -39.59 23.38 -17.72
C PRO C 87 -41.09 23.15 -17.54
N ASN C 88 -41.78 22.77 -18.62
CA ASN C 88 -43.23 22.78 -18.63
C ASN C 88 -43.81 21.38 -18.36
N VAL C 89 -42.93 20.41 -18.08
CA VAL C 89 -43.31 19.02 -17.91
C VAL C 89 -43.22 18.64 -16.43
N ASP C 90 -44.28 18.01 -15.90
CA ASP C 90 -44.19 17.49 -14.54
C ASP C 90 -44.34 15.98 -14.49
N LEU C 91 -43.56 15.34 -13.61
CA LEU C 91 -43.74 13.96 -13.21
C LEU C 91 -44.95 13.79 -12.26
N ILE C 92 -46.00 13.11 -12.73
CA ILE C 92 -47.20 12.88 -11.96
C ILE C 92 -46.99 11.70 -11.01
N ASN C 93 -46.56 10.55 -11.57
CA ASN C 93 -46.30 9.38 -10.75
C ASN C 93 -45.33 8.42 -11.44
N TYR C 94 -44.98 7.35 -10.74
CA TYR C 94 -44.03 6.42 -11.32
C TYR C 94 -44.15 5.12 -10.54
N LEU C 95 -44.05 3.99 -11.27
CA LEU C 95 -44.12 2.71 -10.59
C LEU C 95 -42.84 1.96 -10.93
N PRO C 96 -42.22 1.22 -9.96
CA PRO C 96 -42.65 1.21 -8.56
C PRO C 96 -42.18 2.46 -7.82
N LYS C 97 -43.00 2.88 -6.84
CA LYS C 97 -42.76 4.11 -6.11
C LYS C 97 -41.80 3.88 -4.95
N ASN C 98 -41.95 2.74 -4.26
CA ASN C 98 -41.25 2.51 -3.00
C ASN C 98 -40.30 1.32 -3.11
N LYS C 99 -39.38 1.26 -2.12
CA LYS C 99 -38.38 0.20 -1.99
C LYS C 99 -39.11 -1.15 -2.01
N ILE C 100 -38.71 -2.06 -2.90
CA ILE C 100 -39.46 -3.31 -2.96
C ILE C 100 -38.49 -4.46 -3.28
N ASP C 101 -38.55 -5.52 -2.48
CA ASP C 101 -37.67 -6.68 -2.65
C ASP C 101 -38.39 -7.98 -3.05
N SER C 102 -39.70 -7.97 -3.35
CA SER C 102 -40.35 -9.21 -3.75
C SER C 102 -39.79 -9.73 -5.08
N VAL C 103 -39.80 -11.06 -5.29
CA VAL C 103 -39.11 -11.60 -6.46
C VAL C 103 -39.76 -11.01 -7.71
N ASN C 104 -41.10 -10.89 -7.65
CA ASN C 104 -41.90 -10.36 -8.74
C ASN C 104 -42.50 -9.02 -8.31
N VAL C 105 -42.23 -7.97 -9.09
CA VAL C 105 -42.78 -6.65 -8.89
C VAL C 105 -43.90 -6.50 -9.91
N SER C 106 -45.14 -6.41 -9.43
CA SER C 106 -46.20 -6.13 -10.38
C SER C 106 -47.20 -5.19 -9.71
N GLN C 107 -47.40 -4.04 -10.34
CA GLN C 107 -48.24 -3.00 -9.78
C GLN C 107 -49.09 -2.42 -10.91
N THR C 108 -50.08 -1.59 -10.57
CA THR C 108 -50.99 -1.12 -11.60
C THR C 108 -51.15 0.39 -11.43
N LEU C 109 -51.12 1.11 -12.56
CA LEU C 109 -51.53 2.50 -12.65
C LEU C 109 -52.98 2.49 -13.15
N GLY C 110 -53.98 2.99 -12.37
CA GLY C 110 -55.39 3.15 -12.78
C GLY C 110 -56.32 2.00 -12.35
N TYR C 111 -57.42 1.69 -13.10
CA TYR C 111 -58.35 0.64 -12.66
C TYR C 111 -58.51 -0.49 -13.71
N SER C 132 -56.44 0.76 -17.23
CA SER C 132 -55.21 0.67 -16.41
C SER C 132 -53.99 0.47 -17.31
N LYS C 133 -52.79 0.72 -16.76
CA LYS C 133 -51.53 0.15 -17.25
C LYS C 133 -50.84 -0.55 -16.08
N THR C 134 -50.03 -1.57 -16.40
CA THR C 134 -49.43 -2.38 -15.35
C THR C 134 -47.96 -2.61 -15.69
N ILE C 135 -47.15 -2.92 -14.65
CA ILE C 135 -45.75 -3.29 -14.76
C ILE C 135 -45.63 -4.71 -14.23
N SER C 136 -44.68 -5.49 -14.79
CA SER C 136 -44.38 -6.78 -14.22
C SER C 136 -42.92 -7.13 -14.52
N TYR C 137 -42.10 -7.40 -13.50
CA TYR C 137 -40.72 -7.81 -13.74
C TYR C 137 -40.21 -8.57 -12.53
N ASN C 138 -39.29 -9.53 -12.78
CA ASN C 138 -38.66 -10.35 -11.75
C ASN C 138 -37.29 -9.75 -11.43
N GLN C 139 -36.88 -9.90 -10.15
CA GLN C 139 -35.65 -9.28 -9.67
C GLN C 139 -35.10 -10.19 -8.57
N GLN C 140 -35.13 -11.50 -8.83
CA GLN C 140 -34.69 -12.45 -7.82
C GLN C 140 -33.30 -12.05 -7.27
N ASN C 141 -33.20 -12.04 -5.95
CA ASN C 141 -32.06 -11.66 -5.13
C ASN C 141 -31.71 -10.18 -5.23
N TYR C 142 -32.47 -9.37 -5.98
CA TYR C 142 -32.16 -7.93 -6.11
C TYR C 142 -33.30 -7.16 -5.39
N ILE C 143 -33.11 -5.85 -5.24
CA ILE C 143 -34.09 -4.96 -4.63
C ILE C 143 -34.14 -3.70 -5.50
N SER C 144 -35.35 -3.15 -5.61
CA SER C 144 -35.57 -1.96 -6.41
C SER C 144 -35.87 -0.77 -5.48
N GLU C 145 -35.34 0.40 -5.82
CA GLU C 145 -35.62 1.61 -5.07
C GLU C 145 -35.30 2.80 -5.97
N VAL C 146 -36.08 3.87 -5.82
CA VAL C 146 -35.82 5.12 -6.49
C VAL C 146 -34.56 5.70 -5.87
N GLU C 147 -33.61 6.19 -6.68
CA GLU C 147 -32.39 6.76 -6.10
C GLU C 147 -32.55 8.28 -6.02
N ARG C 148 -33.25 8.82 -7.01
CA ARG C 148 -33.37 10.25 -7.17
C ARG C 148 -34.69 10.49 -7.90
N GLN C 149 -35.46 11.48 -7.47
CA GLN C 149 -36.61 11.92 -8.23
C GLN C 149 -36.90 13.39 -7.89
N ASN C 150 -37.19 14.19 -8.93
CA ASN C 150 -37.72 15.54 -8.76
C ASN C 150 -38.89 15.62 -9.73
N SER C 151 -39.34 16.84 -10.02
CA SER C 151 -40.53 16.97 -10.85
C SER C 151 -40.17 16.73 -12.33
N LYS C 152 -38.86 16.57 -12.62
CA LYS C 152 -38.39 16.49 -14.00
C LYS C 152 -37.73 15.15 -14.36
N SER C 153 -37.59 14.24 -13.37
CA SER C 153 -36.91 12.99 -13.65
C SER C 153 -37.13 11.98 -12.52
N VAL C 154 -36.92 10.70 -12.87
CA VAL C 154 -36.88 9.68 -11.84
C VAL C 154 -35.78 8.67 -12.18
N GLN C 155 -35.08 8.21 -11.15
CA GLN C 155 -34.05 7.19 -11.38
C GLN C 155 -34.24 6.04 -10.39
N TRP C 156 -34.30 4.80 -10.92
CA TRP C 156 -34.36 3.60 -10.10
C TRP C 156 -33.02 2.88 -10.10
N GLY C 157 -32.68 2.24 -8.98
CA GLY C 157 -31.60 1.28 -8.89
C GLY C 157 -32.18 -0.09 -8.58
N ILE C 158 -31.70 -1.12 -9.28
CA ILE C 158 -32.14 -2.49 -9.00
C ILE C 158 -30.80 -3.22 -8.72
N LYS C 159 -30.56 -3.51 -7.43
CA LYS C 159 -29.25 -3.95 -7.00
C LYS C 159 -29.27 -5.24 -6.18
N ALA C 160 -28.13 -5.92 -6.17
CA ALA C 160 -27.91 -7.22 -5.55
C ALA C 160 -28.20 -7.03 -4.08
N ASN C 161 -28.98 -7.94 -3.47
CA ASN C 161 -29.59 -7.64 -2.18
C ASN C 161 -29.40 -8.82 -1.23
N SER C 162 -29.89 -9.99 -1.62
CA SER C 162 -30.00 -11.09 -0.70
C SER C 162 -30.00 -12.42 -1.44
N PHE C 163 -29.06 -13.28 -1.08
CA PHE C 163 -28.89 -14.56 -1.77
C PHE C 163 -28.80 -15.63 -0.70
N ILE C 164 -29.88 -16.42 -0.51
CA ILE C 164 -30.05 -17.31 0.62
C ILE C 164 -29.99 -18.76 0.16
N THR C 165 -29.12 -19.54 0.80
CA THR C 165 -28.92 -20.98 0.67
C THR C 165 -29.06 -21.57 2.07
N SER C 166 -29.16 -22.92 2.19
CA SER C 166 -29.11 -23.61 3.47
C SER C 166 -27.78 -23.33 4.21
N LEU C 167 -26.78 -22.85 3.49
CA LEU C 167 -25.51 -22.46 4.08
C LEU C 167 -25.53 -21.07 4.75
N GLY C 168 -26.59 -20.26 4.56
CA GLY C 168 -26.62 -18.91 5.11
C GLY C 168 -27.02 -17.87 4.05
N LYS C 169 -27.22 -16.63 4.49
CA LYS C 169 -27.47 -15.52 3.58
C LYS C 169 -26.14 -14.92 3.13
N MET C 170 -26.03 -14.60 1.87
CA MET C 170 -24.98 -13.69 1.44
C MET C 170 -25.70 -12.44 0.93
N SER C 171 -25.31 -11.27 1.43
CA SER C 171 -25.91 -10.02 0.99
C SER C 171 -25.26 -9.55 -0.32
N GLY C 172 -25.82 -8.48 -0.93
CA GLY C 172 -25.20 -7.90 -2.13
C GLY C 172 -23.80 -7.31 -1.95
N HIS C 173 -23.47 -6.94 -0.68
CA HIS C 173 -22.15 -6.44 -0.31
C HIS C 173 -21.20 -7.53 0.23
N ASP C 174 -21.60 -8.78 0.34
CA ASP C 174 -20.69 -9.72 1.00
C ASP C 174 -19.45 -9.93 0.08
N PRO C 175 -18.17 -9.79 0.53
CA PRO C 175 -17.04 -10.07 -0.36
C PRO C 175 -16.97 -11.49 -0.92
N ASN C 176 -17.61 -12.47 -0.27
CA ASN C 176 -17.56 -13.87 -0.71
C ASN C 176 -18.71 -14.25 -1.63
N LEU C 177 -19.61 -13.31 -1.95
CA LEU C 177 -20.72 -13.68 -2.81
C LEU C 177 -20.19 -14.17 -4.16
N PHE C 178 -20.67 -15.34 -4.62
CA PHE C 178 -20.35 -15.99 -5.89
C PHE C 178 -18.97 -16.65 -5.90
N VAL C 179 -18.20 -16.59 -4.80
CA VAL C 179 -16.94 -17.35 -4.80
C VAL C 179 -17.15 -18.87 -4.88
N GLY C 180 -16.38 -19.58 -5.72
CA GLY C 180 -16.70 -20.96 -6.02
C GLY C 180 -15.82 -21.90 -5.16
N TYR C 181 -15.46 -23.06 -5.74
CA TYR C 181 -15.18 -24.29 -5.02
C TYR C 181 -13.89 -24.96 -5.53
N LYS C 182 -13.19 -24.37 -6.54
CA LYS C 182 -12.16 -25.06 -7.32
C LYS C 182 -10.81 -24.32 -7.31
N PRO C 183 -10.13 -24.21 -6.16
CA PRO C 183 -8.94 -23.39 -6.06
C PRO C 183 -7.79 -23.76 -7.00
N TYR C 184 -7.82 -24.99 -7.55
CA TYR C 184 -6.67 -25.37 -8.39
C TYR C 184 -7.10 -25.45 -9.85
N SER C 185 -8.32 -25.03 -10.21
CA SER C 185 -8.68 -24.95 -11.64
C SER C 185 -7.95 -23.76 -12.28
N GLN C 186 -7.68 -23.89 -13.58
CA GLN C 186 -7.06 -22.83 -14.37
C GLN C 186 -8.08 -21.91 -15.03
N ASN C 187 -9.27 -22.40 -15.36
CA ASN C 187 -10.33 -21.63 -16.01
C ASN C 187 -10.94 -20.62 -15.03
N PRO C 188 -10.89 -19.28 -15.32
CA PRO C 188 -11.47 -18.28 -14.43
C PRO C 188 -12.95 -18.52 -14.09
N ARG C 189 -13.71 -19.19 -14.99
CA ARG C 189 -15.12 -19.46 -14.67
C ARG C 189 -15.23 -20.34 -13.42
N ASP C 190 -14.27 -21.27 -13.26
CA ASP C 190 -14.33 -22.27 -12.20
C ASP C 190 -14.03 -21.68 -10.81
N TYR C 191 -13.60 -20.43 -10.75
CA TYR C 191 -13.34 -19.87 -9.43
C TYR C 191 -14.62 -19.29 -8.84
N PHE C 192 -15.74 -19.46 -9.56
CA PHE C 192 -17.00 -18.85 -9.11
C PHE C 192 -18.15 -19.87 -9.23
N VAL C 193 -19.25 -19.60 -8.57
CA VAL C 193 -20.33 -20.58 -8.51
C VAL C 193 -20.85 -20.79 -9.92
N PRO C 194 -21.36 -22.01 -10.19
CA PRO C 194 -21.90 -22.32 -11.51
C PRO C 194 -23.21 -21.59 -11.84
N ASP C 195 -23.49 -21.51 -13.16
CA ASP C 195 -24.65 -20.77 -13.63
C ASP C 195 -25.90 -21.28 -12.92
N ASN C 196 -25.96 -22.59 -12.60
CA ASN C 196 -27.17 -23.07 -11.94
C ASN C 196 -27.27 -22.58 -10.48
N GLU C 197 -26.21 -22.00 -9.91
CA GLU C 197 -26.38 -21.36 -8.61
C GLU C 197 -26.60 -19.85 -8.78
N LEU C 198 -26.71 -19.29 -10.00
CA LEU C 198 -26.78 -17.82 -10.16
C LEU C 198 -28.21 -17.47 -10.53
N PRO C 199 -28.71 -16.29 -10.13
CA PRO C 199 -30.05 -15.87 -10.61
C PRO C 199 -30.00 -15.27 -12.02
N PRO C 200 -31.16 -15.12 -12.71
CA PRO C 200 -31.22 -14.46 -14.03
C PRO C 200 -30.49 -13.13 -14.13
N LEU C 201 -30.57 -12.26 -13.11
CA LEU C 201 -30.02 -10.93 -13.30
C LEU C 201 -28.49 -10.95 -13.33
N VAL C 202 -27.89 -12.05 -12.85
CA VAL C 202 -26.43 -12.15 -12.97
C VAL C 202 -26.03 -12.93 -14.22
N HIS C 203 -26.62 -14.13 -14.42
CA HIS C 203 -26.20 -14.93 -15.53
C HIS C 203 -26.73 -14.39 -16.86
N SER C 204 -27.88 -13.69 -16.87
CA SER C 204 -28.41 -13.34 -18.17
C SER C 204 -28.70 -11.84 -18.32
N GLY C 205 -29.50 -11.26 -17.43
CA GLY C 205 -29.69 -9.83 -17.57
C GLY C 205 -31.01 -9.41 -16.93
N PHE C 206 -31.45 -8.13 -17.14
CA PHE C 206 -32.63 -7.62 -16.45
C PHE C 206 -33.67 -7.36 -17.51
N ASN C 207 -34.94 -7.66 -17.17
CA ASN C 207 -36.05 -7.37 -18.09
C ASN C 207 -36.91 -6.25 -17.53
N PRO C 208 -36.58 -4.97 -17.77
CA PRO C 208 -37.23 -3.88 -17.03
C PRO C 208 -38.73 -3.76 -17.37
N SER C 209 -39.51 -3.25 -16.41
CA SER C 209 -40.90 -2.87 -16.63
C SER C 209 -41.26 -1.70 -15.70
N PHE C 210 -41.06 -0.46 -16.18
CA PHE C 210 -41.22 0.75 -15.36
C PHE C 210 -42.28 1.63 -16.01
N ILE C 211 -43.02 2.35 -15.16
CA ILE C 211 -44.03 3.28 -15.62
C ILE C 211 -43.73 4.65 -15.01
N ALA C 212 -43.87 5.66 -15.88
CA ALA C 212 -43.91 7.04 -15.41
C ALA C 212 -45.02 7.78 -16.18
N THR C 213 -45.59 8.81 -15.53
CA THR C 213 -46.65 9.56 -16.20
C THR C 213 -46.34 11.04 -16.05
N VAL C 214 -46.29 11.76 -17.20
CA VAL C 214 -45.97 13.18 -17.18
C VAL C 214 -47.17 14.01 -17.67
N SER C 215 -47.21 15.26 -17.20
CA SER C 215 -48.10 16.27 -17.81
C SER C 215 -47.25 17.36 -18.47
N HIS C 216 -47.91 18.09 -19.36
CA HIS C 216 -47.31 19.15 -20.16
C HIS C 216 -48.35 20.26 -20.41
N GLU C 217 -48.03 21.49 -19.95
CA GLU C 217 -48.88 22.67 -20.13
C GLU C 217 -49.19 22.91 -21.62
N LYS C 218 -50.46 22.89 -21.99
CA LYS C 218 -50.84 23.27 -23.34
C LYS C 218 -50.53 24.74 -23.60
N GLY C 219 -49.97 25.00 -24.78
CA GLY C 219 -49.51 26.34 -25.11
C GLY C 219 -48.03 26.56 -24.76
N SER C 220 -47.47 25.74 -23.87
CA SER C 220 -46.12 26.03 -23.42
C SER C 220 -45.03 25.39 -24.30
N GLY C 221 -45.41 24.88 -25.49
CA GLY C 221 -44.46 24.38 -26.47
C GLY C 221 -44.97 23.13 -27.19
N ASP C 222 -44.74 23.03 -28.51
CA ASP C 222 -45.21 21.90 -29.29
C ASP C 222 -44.44 20.61 -28.93
N THR C 223 -43.19 20.71 -28.46
CA THR C 223 -42.39 19.51 -28.23
C THR C 223 -41.66 19.47 -26.88
N SER C 224 -41.40 18.24 -26.36
CA SER C 224 -40.57 18.02 -25.18
C SER C 224 -39.51 16.92 -25.41
N GLU C 225 -38.39 17.04 -24.68
CA GLU C 225 -37.28 16.12 -24.84
C GLU C 225 -37.11 15.23 -23.61
N PHE C 226 -36.98 13.93 -23.90
CA PHE C 226 -36.97 12.89 -22.89
C PHE C 226 -35.76 11.99 -23.10
N GLU C 227 -34.95 11.81 -22.05
CA GLU C 227 -33.86 10.85 -22.10
C GLU C 227 -34.19 9.67 -21.21
N ILE C 228 -34.15 8.49 -21.83
CA ILE C 228 -34.31 7.25 -21.08
C ILE C 228 -32.94 6.57 -21.03
N THR C 229 -32.50 6.26 -19.80
CA THR C 229 -31.22 5.61 -19.55
C THR C 229 -31.43 4.20 -18.97
N TYR C 230 -30.83 3.20 -19.66
CA TYR C 230 -30.84 1.82 -19.19
C TYR C 230 -29.39 1.39 -19.07
N GLY C 231 -29.00 0.69 -17.99
CA GLY C 231 -27.62 0.19 -17.95
C GLY C 231 -27.31 -0.49 -16.62
N ARG C 232 -26.01 -0.55 -16.28
CA ARG C 232 -25.46 -1.35 -15.19
C ARG C 232 -24.33 -0.58 -14.49
N ASN C 233 -24.21 -0.79 -13.16
CA ASN C 233 -22.93 -0.56 -12.47
C ASN C 233 -22.34 -1.96 -12.18
N MET C 234 -21.13 -2.23 -12.69
CA MET C 234 -20.39 -3.47 -12.51
C MET C 234 -19.47 -3.41 -11.29
N ASP C 235 -19.51 -4.49 -10.46
CA ASP C 235 -18.50 -4.78 -9.47
C ASP C 235 -17.55 -5.81 -10.08
N VAL C 236 -16.37 -5.92 -9.48
CA VAL C 236 -15.48 -7.06 -9.68
C VAL C 236 -15.35 -7.79 -8.34
N THR C 237 -15.55 -9.09 -8.37
CA THR C 237 -15.12 -9.96 -7.29
C THR C 237 -13.82 -10.66 -7.72
N HIS C 238 -12.79 -10.59 -6.87
CA HIS C 238 -11.60 -11.43 -7.08
C HIS C 238 -11.70 -12.60 -6.12
N ALA C 239 -11.52 -13.80 -6.67
CA ALA C 239 -11.38 -15.02 -5.88
C ALA C 239 -9.88 -15.34 -5.92
N THR C 240 -9.33 -15.53 -4.73
CA THR C 240 -7.91 -15.75 -4.54
C THR C 240 -7.76 -17.06 -3.80
N ARG C 241 -6.88 -17.92 -4.34
CA ARG C 241 -6.59 -19.15 -3.61
C ARG C 241 -5.83 -18.82 -2.34
N ARG C 242 -6.30 -19.31 -1.18
CA ARG C 242 -5.57 -19.28 0.10
C ARG C 242 -5.18 -20.70 0.49
N THR C 243 -3.95 -20.87 0.94
CA THR C 243 -3.36 -22.16 1.33
C THR C 243 -2.78 -21.96 2.72
N THR C 244 -3.25 -22.75 3.67
CA THR C 244 -2.85 -22.56 5.06
C THR C 244 -1.52 -23.25 5.31
N HIS C 245 -0.97 -23.00 6.53
CA HIS C 245 0.23 -23.62 7.09
C HIS C 245 0.23 -25.12 6.76
N TYR C 246 -0.93 -25.80 6.78
CA TYR C 246 -1.01 -27.25 6.63
C TYR C 246 -1.24 -27.73 5.19
N GLY C 247 -1.35 -26.81 4.22
CA GLY C 247 -1.39 -27.13 2.80
C GLY C 247 -2.86 -27.26 2.29
N ASN C 248 -3.88 -27.05 3.13
CA ASN C 248 -5.29 -27.01 2.67
C ASN C 248 -5.53 -25.72 1.90
N SER C 249 -6.35 -25.74 0.82
CA SER C 249 -6.64 -24.56 0.07
C SER C 249 -8.15 -24.33 -0.03
N TYR C 250 -8.49 -23.07 -0.30
CA TYR C 250 -9.87 -22.65 -0.55
C TYR C 250 -9.84 -21.31 -1.24
N LEU C 251 -11.02 -20.84 -1.69
CA LEU C 251 -11.03 -19.56 -2.40
C LEU C 251 -11.56 -18.52 -1.44
N GLU C 252 -10.96 -17.33 -1.46
CA GLU C 252 -11.48 -16.25 -0.65
C GLU C 252 -11.86 -15.08 -1.58
N GLY C 253 -12.93 -14.35 -1.27
CA GLY C 253 -13.42 -13.33 -2.19
C GLY C 253 -13.09 -11.93 -1.71
N SER C 254 -12.85 -10.98 -2.59
CA SER C 254 -12.72 -9.59 -2.20
C SER C 254 -13.36 -8.82 -3.37
N ARG C 255 -13.74 -7.57 -3.14
CA ARG C 255 -14.62 -6.93 -4.11
C ARG C 255 -14.00 -5.59 -4.48
N ILE C 256 -14.01 -5.22 -5.77
CA ILE C 256 -13.97 -3.79 -6.05
C ILE C 256 -15.41 -3.37 -6.34
N HIS C 257 -15.96 -2.59 -5.41
CA HIS C 257 -17.36 -2.22 -5.51
C HIS C 257 -17.41 -0.96 -6.37
N ASN C 258 -18.43 -0.85 -7.21
CA ASN C 258 -18.52 0.31 -8.08
C ASN C 258 -17.29 0.45 -8.96
N ALA C 259 -16.85 -0.67 -9.54
CA ALA C 259 -15.63 -0.72 -10.35
C ALA C 259 -15.88 -0.04 -11.71
N PHE C 260 -17.06 -0.31 -12.34
CA PHE C 260 -17.39 0.27 -13.64
C PHE C 260 -18.82 0.77 -13.58
N VAL C 261 -18.96 2.06 -13.37
CA VAL C 261 -20.22 2.67 -13.01
C VAL C 261 -20.86 3.29 -14.24
N ASN C 262 -22.19 3.29 -14.29
CA ASN C 262 -22.97 3.96 -15.33
C ASN C 262 -22.54 3.49 -16.71
N ARG C 263 -22.40 2.15 -16.89
CA ARG C 263 -22.30 1.53 -18.19
C ARG C 263 -23.73 1.55 -18.76
N ASN C 264 -24.08 2.66 -19.42
CA ASN C 264 -25.48 3.00 -19.67
C ASN C 264 -25.70 3.37 -21.14
N TYR C 265 -26.83 2.87 -21.67
CA TYR C 265 -27.36 3.27 -22.97
C TYR C 265 -28.45 4.33 -22.75
N THR C 266 -28.22 5.56 -23.28
CA THR C 266 -29.18 6.66 -23.23
C THR C 266 -29.75 6.92 -24.63
N VAL C 267 -31.07 7.08 -24.72
CA VAL C 267 -31.73 7.45 -25.97
C VAL C 267 -32.52 8.73 -25.69
N LYS C 268 -32.38 9.70 -26.59
CA LYS C 268 -33.18 10.91 -26.45
C LYS C 268 -34.39 10.80 -27.39
N TYR C 269 -35.59 10.97 -26.83
CA TYR C 269 -36.83 10.94 -27.60
C TYR C 269 -37.47 12.34 -27.61
N GLU C 270 -37.89 12.78 -28.80
CA GLU C 270 -38.68 13.99 -28.91
C GLU C 270 -40.16 13.64 -29.09
N VAL C 271 -40.96 14.08 -28.11
CA VAL C 271 -42.40 13.93 -28.03
C VAL C 271 -42.94 15.19 -28.71
N ASN C 272 -43.82 15.00 -29.69
CA ASN C 272 -44.52 16.12 -30.32
C ASN C 272 -45.97 16.12 -29.83
N TRP C 273 -46.30 17.15 -29.05
CA TRP C 273 -47.56 17.28 -28.35
C TRP C 273 -48.71 17.62 -29.31
N LYS C 274 -48.39 18.38 -30.38
CA LYS C 274 -49.37 18.80 -31.37
C LYS C 274 -49.83 17.58 -32.19
N THR C 275 -48.87 16.78 -32.65
CA THR C 275 -49.15 15.66 -33.52
C THR C 275 -49.41 14.38 -32.70
N HIS C 276 -49.26 14.46 -31.37
CA HIS C 276 -49.11 13.30 -30.49
C HIS C 276 -48.24 12.25 -31.19
N GLU C 277 -46.94 12.56 -31.31
CA GLU C 277 -45.96 11.79 -32.08
C GLU C 277 -44.63 11.70 -31.31
N ILE C 278 -43.85 10.63 -31.58
CA ILE C 278 -42.53 10.43 -30.97
C ILE C 278 -41.48 10.29 -32.06
N LYS C 279 -40.32 10.98 -31.96
CA LYS C 279 -39.17 10.46 -32.70
C LYS C 279 -37.93 10.31 -31.82
N VAL C 280 -37.04 9.39 -32.23
CA VAL C 280 -35.73 9.18 -31.63
C VAL C 280 -34.78 10.25 -32.16
N LYS C 281 -34.26 11.14 -31.30
CA LYS C 281 -33.38 12.23 -31.71
C LYS C 281 -31.92 11.78 -31.84
N GLY C 282 -31.46 10.97 -30.89
CA GLY C 282 -30.10 10.47 -30.88
C GLY C 282 -29.91 9.51 -29.70
N HIS C 283 -28.67 9.01 -29.55
CA HIS C 283 -28.35 7.98 -28.58
C HIS C 283 -26.84 7.84 -28.50
N ASN C 284 -26.37 7.32 -27.36
CA ASN C 284 -24.95 7.08 -27.22
C ASN C 284 -24.67 5.64 -27.63
#